data_1BLS
#
_entry.id   1BLS
#
_cell.length_a   46.500
_cell.length_b   83.470
_cell.length_c   95.460
_cell.angle_alpha   90.00
_cell.angle_beta   90.01
_cell.angle_gamma   90.00
#
_symmetry.space_group_name_H-M   'P 1 21 1'
#
loop_
_entity.id
_entity.type
_entity.pdbx_description
1 polymer BETA-LACTAMASE
2 non-polymer '(P-IODOPHENYLACETYLAMINO)METHYLPHOSPHINIC ACID'
3 water water
#
_entity_poly.entity_id   1
_entity_poly.type   'polypeptide(L)'
_entity_poly.pdbx_seq_one_letter_code
;TPVSEKQLAEVVANTITPLMKAQSVPGMAVAVIYQGKPHYYTFGKADIAANKPVTPQTLFELGSISKTFTGVLGGDAIAR
GEISLDDAVTRYWPQLTGKQWQGIRMLDLATYTAGGLPLQVPDEVTDNASLLRFYQNWQPQWKPGTTRLYANASIGLFGA
LAVKPSGMPYEQAMTTRVLKPLKLDHTWINVPKAEEAHYAWGYRDGKAVRVSPGMLDAQAYGVKTNVQDMANWVMANMAP
ENVADASLKQGIALAQSRYWRIGSMYQGLGWEMLNWPVEANTVVEGSDSKVALAPLPVAEVNPPAPPVKASWVHKTGSTG
GFGSYVAFIPEKQIGIVMLANTSYPNPARVEAAYHILEALQ
;
_entity_poly.pdbx_strand_id   A,B
#
loop_
_chem_comp.id
_chem_comp.type
_chem_comp.name
_chem_comp.formula
IPP non-polymer '(P-IODOPHENYLACETYLAMINO)METHYLPHOSPHINIC ACID' 'C9 H11 I N O3 P'
#
# COMPACT_ATOMS: atom_id res chain seq x y z
N PRO A 2 37.31 9.45 5.70
CA PRO A 2 36.40 10.27 4.91
C PRO A 2 35.31 10.88 5.78
N VAL A 3 34.97 12.12 5.45
CA VAL A 3 33.94 12.89 6.16
C VAL A 3 33.45 14.05 5.29
N SER A 4 34.11 15.17 5.45
CA SER A 4 33.88 16.43 4.77
C SER A 4 32.42 16.81 4.60
N GLU A 5 31.54 16.16 5.33
CA GLU A 5 30.10 16.37 5.29
C GLU A 5 29.66 17.81 5.12
N LYS A 6 30.25 18.70 5.89
CA LYS A 6 29.92 20.14 5.84
C LYS A 6 30.45 20.73 4.53
N GLN A 7 31.55 20.15 4.08
CA GLN A 7 32.23 20.54 2.83
C GLN A 7 31.36 20.12 1.64
N LEU A 8 30.80 18.93 1.76
CA LEU A 8 29.95 18.31 0.75
C LEU A 8 28.67 19.11 0.52
N ALA A 9 28.05 19.50 1.62
CA ALA A 9 26.81 20.27 1.61
C ALA A 9 27.05 21.63 0.94
N GLU A 10 28.29 22.08 1.06
CA GLU A 10 28.72 23.36 0.47
C GLU A 10 28.86 23.21 -1.05
N VAL A 11 29.53 22.16 -1.45
CA VAL A 11 29.80 21.85 -2.87
C VAL A 11 28.49 21.82 -3.66
N VAL A 12 27.54 21.09 -3.16
CA VAL A 12 26.22 20.92 -3.77
C VAL A 12 25.48 22.26 -3.86
N ALA A 13 25.36 22.93 -2.73
CA ALA A 13 24.68 24.23 -2.65
C ALA A 13 25.30 25.24 -3.61
N ASN A 14 26.61 25.31 -3.60
CA ASN A 14 27.39 26.22 -4.43
C ASN A 14 27.23 25.98 -5.92
N THR A 15 26.89 24.75 -6.28
CA THR A 15 26.73 24.39 -7.70
C THR A 15 25.27 24.51 -8.15
N ILE A 16 24.38 24.03 -7.32
CA ILE A 16 22.94 24.02 -7.58
C ILE A 16 22.27 25.38 -7.47
N THR A 17 22.70 26.18 -6.51
CA THR A 17 22.15 27.52 -6.26
C THR A 17 22.17 28.40 -7.48
N PRO A 18 23.32 28.52 -8.12
CA PRO A 18 23.49 29.34 -9.32
C PRO A 18 22.73 28.77 -10.50
N LEU A 19 22.66 27.45 -10.56
CA LEU A 19 21.96 26.73 -11.63
C LEU A 19 20.47 27.09 -11.66
N MET A 20 19.85 27.02 -10.50
CA MET A 20 18.42 27.31 -10.34
C MET A 20 18.08 28.75 -10.71
N LYS A 21 18.96 29.69 -10.39
CA LYS A 21 18.79 31.11 -10.69
C LYS A 21 18.90 31.37 -12.20
N ALA A 22 19.91 30.78 -12.80
CA ALA A 22 20.21 30.93 -14.22
C ALA A 22 19.18 30.30 -15.15
N GLN A 23 18.74 29.10 -14.84
CA GLN A 23 17.78 28.34 -15.63
C GLN A 23 16.36 28.43 -15.07
N SER A 24 16.22 29.29 -14.08
CA SER A 24 14.98 29.52 -13.36
C SER A 24 14.18 28.24 -13.15
N VAL A 25 14.75 27.37 -12.35
CA VAL A 25 14.17 26.08 -11.94
C VAL A 25 13.44 26.29 -10.60
N PRO A 26 12.19 25.89 -10.55
CA PRO A 26 11.35 26.01 -9.38
C PRO A 26 11.79 25.22 -8.17
N GLY A 27 12.10 23.95 -8.38
CA GLY A 27 12.53 23.06 -7.29
C GLY A 27 13.42 21.94 -7.84
N MET A 28 14.23 21.42 -6.93
CA MET A 28 15.17 20.35 -7.28
C MET A 28 15.52 19.50 -6.07
N ALA A 29 15.53 18.20 -6.31
CA ALA A 29 15.89 17.18 -5.31
C ALA A 29 17.21 16.58 -5.84
N VAL A 30 18.19 16.53 -4.95
CA VAL A 30 19.52 16.03 -5.29
C VAL A 30 20.02 15.00 -4.29
N ALA A 31 20.69 14.01 -4.84
CA ALA A 31 21.29 12.91 -4.09
C ALA A 31 22.71 12.67 -4.59
N VAL A 32 23.61 12.66 -3.63
CA VAL A 32 25.04 12.39 -3.89
C VAL A 32 25.36 11.09 -3.13
N ILE A 33 25.82 10.12 -3.90
CA ILE A 33 26.20 8.82 -3.26
C ILE A 33 27.72 8.90 -3.16
N TYR A 34 28.16 8.75 -1.93
CA TYR A 34 29.59 8.86 -1.57
C TYR A 34 29.92 7.84 -0.50
N GLN A 35 30.71 6.88 -0.91
CA GLN A 35 31.19 5.74 -0.14
C GLN A 35 30.05 4.96 0.51
N GLY A 36 29.16 4.48 -0.35
CA GLY A 36 28.02 3.68 0.03
C GLY A 36 26.97 4.36 0.87
N LYS A 37 27.03 5.68 0.93
CA LYS A 37 26.07 6.46 1.71
C LYS A 37 25.44 7.57 0.88
N PRO A 38 24.13 7.48 0.74
CA PRO A 38 23.35 8.48 -0.02
C PRO A 38 23.15 9.72 0.84
N HIS A 39 23.28 10.86 0.20
CA HIS A 39 23.12 12.19 0.81
C HIS A 39 22.08 12.96 0.00
N TYR A 40 21.01 13.37 0.66
CA TYR A 40 19.91 14.10 0.03
C TYR A 40 19.94 15.60 0.30
N TYR A 41 19.69 16.32 -0.77
CA TYR A 41 19.63 17.78 -0.82
C TYR A 41 18.33 18.13 -1.56
N THR A 42 17.59 19.04 -0.97
CA THR A 42 16.29 19.49 -1.51
C THR A 42 16.23 21.00 -1.59
N PHE A 43 15.66 21.49 -2.68
CA PHE A 43 15.54 22.93 -2.92
C PHE A 43 14.22 23.28 -3.63
N GLY A 44 13.78 24.48 -3.30
CA GLY A 44 12.60 25.12 -3.82
C GLY A 44 11.26 24.44 -3.59
N LYS A 45 10.40 24.68 -4.57
CA LYS A 45 9.04 24.26 -4.64
C LYS A 45 8.66 23.18 -5.63
N ALA A 46 7.74 22.35 -5.14
CA ALA A 46 7.17 21.24 -5.89
C ALA A 46 5.93 21.79 -6.62
N ASP A 47 5.24 22.62 -5.88
CA ASP A 47 4.00 23.28 -6.35
C ASP A 47 4.01 24.75 -5.93
N ILE A 48 4.18 25.62 -6.90
CA ILE A 48 4.25 27.06 -6.71
C ILE A 48 2.97 27.64 -6.12
N ALA A 49 1.87 27.39 -6.78
CA ALA A 49 0.55 27.85 -6.39
C ALA A 49 0.18 27.43 -4.98
N ALA A 50 0.31 26.14 -4.72
CA ALA A 50 -0.02 25.53 -3.43
C ALA A 50 1.12 25.69 -2.43
N ASN A 51 2.18 26.30 -2.89
CA ASN A 51 3.39 26.60 -2.14
C ASN A 51 3.89 25.38 -1.35
N LYS A 52 4.07 24.29 -2.08
CA LYS A 52 4.57 23.04 -1.47
C LYS A 52 6.07 22.94 -1.81
N PRO A 53 6.84 22.68 -0.78
CA PRO A 53 8.29 22.53 -0.95
C PRO A 53 8.63 21.15 -1.50
N VAL A 54 9.86 21.06 -1.97
CA VAL A 54 10.40 19.78 -2.50
C VAL A 54 10.90 19.01 -1.26
N THR A 55 10.57 17.75 -1.21
CA THR A 55 10.98 16.85 -0.12
C THR A 55 11.48 15.54 -0.75
N PRO A 56 12.24 14.82 0.05
CA PRO A 56 12.80 13.53 -0.36
C PRO A 56 11.72 12.57 -0.85
N GLN A 57 10.48 12.89 -0.55
CA GLN A 57 9.32 12.07 -0.93
C GLN A 57 8.57 12.61 -2.13
N THR A 58 8.99 13.75 -2.63
CA THR A 58 8.38 14.40 -3.80
C THR A 58 8.62 13.57 -5.06
N LEU A 59 7.54 13.33 -5.79
CA LEU A 59 7.58 12.55 -7.03
C LEU A 59 7.83 13.46 -8.23
N PHE A 60 8.80 13.03 -9.02
CA PHE A 60 9.22 13.72 -10.24
C PHE A 60 9.04 12.76 -11.43
N GLU A 61 8.92 13.35 -12.60
CA GLU A 61 8.79 12.56 -13.86
C GLU A 61 10.21 12.36 -14.38
N LEU A 62 10.59 11.11 -14.61
CA LEU A 62 11.94 10.77 -15.07
C LEU A 62 12.22 10.95 -16.55
N GLY A 63 11.19 10.96 -17.37
CA GLY A 63 11.41 11.08 -18.83
C GLY A 63 12.24 9.86 -19.26
N SER A 64 13.20 10.10 -20.11
CA SER A 64 14.05 9.08 -20.70
C SER A 64 14.86 8.25 -19.73
N ILE A 65 14.92 8.64 -18.47
CA ILE A 65 15.68 7.85 -17.47
C ILE A 65 14.93 6.54 -17.21
N SER A 66 13.67 6.55 -17.64
CA SER A 66 12.79 5.39 -17.53
C SER A 66 13.34 4.21 -18.37
N LYS A 67 14.13 4.54 -19.38
CA LYS A 67 14.72 3.57 -20.30
C LYS A 67 15.74 2.66 -19.64
N THR A 68 16.28 3.11 -18.53
CA THR A 68 17.27 2.34 -17.76
C THR A 68 16.55 1.19 -17.07
N PHE A 69 15.27 1.43 -16.78
CA PHE A 69 14.40 0.45 -16.13
C PHE A 69 14.02 -0.62 -17.18
N THR A 70 13.73 -0.11 -18.37
CA THR A 70 13.37 -0.95 -19.52
C THR A 70 14.54 -1.89 -19.83
N GLY A 71 15.73 -1.31 -19.77
CA GLY A 71 16.99 -1.98 -20.02
C GLY A 71 17.22 -3.13 -19.03
N VAL A 72 17.03 -2.84 -17.75
CA VAL A 72 17.22 -3.82 -16.69
C VAL A 72 16.17 -4.92 -16.75
N LEU A 73 14.95 -4.59 -17.09
CA LEU A 73 13.86 -5.58 -17.18
C LEU A 73 14.14 -6.55 -18.33
N GLY A 74 14.67 -6.00 -19.40
CA GLY A 74 15.04 -6.74 -20.61
C GLY A 74 16.22 -7.68 -20.26
N GLY A 75 17.14 -7.12 -19.51
CA GLY A 75 18.34 -7.82 -19.05
C GLY A 75 17.98 -9.05 -18.23
N ASP A 76 17.02 -8.86 -17.35
CA ASP A 76 16.48 -9.87 -16.42
C ASP A 76 15.81 -11.01 -17.18
N ALA A 77 15.09 -10.65 -18.23
CA ALA A 77 14.39 -11.62 -19.09
C ALA A 77 15.43 -12.44 -19.84
N ILE A 78 16.49 -11.76 -20.25
CA ILE A 78 17.60 -12.43 -20.96
C ILE A 78 18.18 -13.47 -19.99
N ALA A 79 18.52 -13.00 -18.81
CA ALA A 79 19.10 -13.77 -17.73
C ALA A 79 18.26 -14.97 -17.30
N ARG A 80 16.98 -14.92 -17.55
CA ARG A 80 16.01 -15.96 -17.21
C ARG A 80 15.88 -16.99 -18.34
N GLY A 81 16.41 -16.62 -19.49
CA GLY A 81 16.40 -17.45 -20.68
C GLY A 81 15.18 -17.22 -21.57
N GLU A 82 14.29 -16.37 -21.10
CA GLU A 82 13.06 -16.03 -21.80
C GLU A 82 13.28 -15.31 -23.11
N ILE A 83 14.37 -14.56 -23.18
CA ILE A 83 14.72 -13.77 -24.37
C ILE A 83 16.20 -13.79 -24.66
N SER A 84 16.51 -13.49 -25.92
CA SER A 84 17.86 -13.40 -26.47
C SER A 84 17.94 -12.14 -27.35
N LEU A 85 19.07 -11.49 -27.27
CA LEU A 85 19.34 -10.25 -28.03
C LEU A 85 19.42 -10.56 -29.53
N ASP A 86 19.82 -11.79 -29.82
CA ASP A 86 19.98 -12.31 -31.18
C ASP A 86 18.67 -12.70 -31.84
N ASP A 87 17.62 -12.85 -31.06
CA ASP A 87 16.30 -13.23 -31.59
C ASP A 87 15.77 -12.15 -32.56
N ALA A 88 15.03 -12.66 -33.51
CA ALA A 88 14.35 -11.84 -34.53
C ALA A 88 13.14 -11.23 -33.80
N VAL A 89 12.84 -9.99 -34.12
CA VAL A 89 11.70 -9.28 -33.52
C VAL A 89 10.42 -10.07 -33.77
N THR A 90 10.35 -10.61 -34.98
CA THR A 90 9.24 -11.38 -35.51
C THR A 90 8.87 -12.61 -34.69
N ARG A 91 9.77 -13.04 -33.84
CA ARG A 91 9.55 -14.21 -32.97
C ARG A 91 8.55 -13.87 -31.88
N TYR A 92 8.56 -12.61 -31.49
CA TYR A 92 7.68 -12.08 -30.44
C TYR A 92 6.45 -11.40 -31.01
N TRP A 93 6.55 -10.87 -32.20
CA TRP A 93 5.42 -10.20 -32.88
C TRP A 93 5.36 -10.69 -34.33
N PRO A 94 4.74 -11.85 -34.50
CA PRO A 94 4.63 -12.50 -35.80
C PRO A 94 3.82 -11.75 -36.82
N GLN A 95 2.99 -10.83 -36.36
CA GLN A 95 2.11 -10.02 -37.22
C GLN A 95 2.91 -9.03 -38.06
N LEU A 96 4.11 -8.76 -37.61
CA LEU A 96 5.03 -7.83 -38.30
C LEU A 96 5.63 -8.55 -39.50
N THR A 97 4.81 -8.73 -40.52
CA THR A 97 5.17 -9.44 -41.74
C THR A 97 5.97 -8.74 -42.80
N GLY A 98 6.11 -7.43 -42.74
CA GLY A 98 6.86 -6.66 -43.74
C GLY A 98 8.27 -7.20 -43.92
N LYS A 99 8.68 -7.28 -45.17
CA LYS A 99 9.99 -7.78 -45.58
C LYS A 99 11.14 -6.99 -44.97
N GLN A 100 10.83 -5.77 -44.59
CA GLN A 100 11.75 -4.81 -43.98
C GLN A 100 12.21 -5.21 -42.59
N TRP A 101 11.41 -6.04 -41.92
CA TRP A 101 11.69 -6.49 -40.56
C TRP A 101 12.60 -7.71 -40.51
N GLN A 102 12.91 -8.24 -41.67
CA GLN A 102 13.73 -9.42 -41.90
C GLN A 102 14.96 -9.55 -41.03
N GLY A 103 15.96 -8.71 -41.22
CA GLY A 103 17.21 -8.80 -40.47
C GLY A 103 17.30 -8.06 -39.17
N ILE A 104 16.19 -7.62 -38.61
CA ILE A 104 16.17 -6.86 -37.35
C ILE A 104 16.00 -7.77 -36.13
N ARG A 105 16.89 -7.60 -35.17
CA ARG A 105 16.91 -8.37 -33.93
C ARG A 105 16.41 -7.52 -32.73
N MET A 106 16.27 -8.24 -31.63
CA MET A 106 15.82 -7.65 -30.37
C MET A 106 16.88 -6.63 -29.93
N LEU A 107 18.14 -6.93 -30.19
CA LEU A 107 19.26 -6.06 -29.86
C LEU A 107 19.13 -4.70 -30.55
N ASP A 108 18.74 -4.74 -31.81
CA ASP A 108 18.59 -3.53 -32.64
C ASP A 108 17.54 -2.57 -32.05
N LEU A 109 16.44 -3.13 -31.60
CA LEU A 109 15.33 -2.37 -31.00
C LEU A 109 15.83 -1.67 -29.73
N ALA A 110 16.49 -2.44 -28.89
CA ALA A 110 17.04 -1.99 -27.62
C ALA A 110 18.13 -0.93 -27.72
N THR A 111 18.95 -0.99 -28.75
CA THR A 111 20.09 -0.09 -28.93
C THR A 111 20.00 0.95 -30.01
N TYR A 112 18.82 1.16 -30.54
CA TYR A 112 18.50 2.13 -31.56
C TYR A 112 19.18 1.89 -32.90
N THR A 113 19.43 0.62 -33.20
CA THR A 113 20.13 0.30 -34.47
C THR A 113 19.30 -0.34 -35.54
N ALA A 114 17.99 -0.41 -35.39
CA ALA A 114 17.08 -1.00 -36.37
C ALA A 114 17.16 -0.41 -37.77
N GLY A 115 17.55 0.84 -37.89
CA GLY A 115 17.68 1.53 -39.17
C GLY A 115 16.87 2.79 -39.34
N GLY A 116 16.68 3.55 -38.27
CA GLY A 116 15.96 4.79 -38.31
C GLY A 116 14.55 4.88 -37.84
N LEU A 117 14.14 4.05 -36.89
CA LEU A 117 12.75 4.16 -36.33
C LEU A 117 12.74 5.58 -35.72
N PRO A 118 11.61 6.25 -35.84
CA PRO A 118 11.47 7.62 -35.37
C PRO A 118 11.60 7.83 -33.87
N LEU A 119 11.98 9.06 -33.55
CA LEU A 119 12.17 9.53 -32.17
C LEU A 119 10.90 9.31 -31.36
N GLN A 120 9.77 9.69 -31.94
CA GLN A 120 8.46 9.55 -31.31
C GLN A 120 7.50 8.68 -32.12
N VAL A 121 6.56 8.13 -31.35
CA VAL A 121 5.47 7.33 -31.97
C VAL A 121 4.48 8.44 -32.42
N PRO A 122 4.11 8.38 -33.68
CA PRO A 122 3.15 9.36 -34.23
C PRO A 122 1.93 9.48 -33.33
N ASP A 123 1.49 10.70 -33.13
CA ASP A 123 0.34 11.03 -32.28
C ASP A 123 -0.95 10.42 -32.81
N GLU A 124 -0.94 10.04 -34.08
CA GLU A 124 -2.09 9.42 -34.75
C GLU A 124 -2.31 7.99 -34.30
N VAL A 125 -1.27 7.39 -33.75
CA VAL A 125 -1.29 6.01 -33.25
C VAL A 125 -1.83 6.00 -31.82
N THR A 126 -2.98 5.36 -31.67
CA THR A 126 -3.65 5.28 -30.37
C THR A 126 -4.08 3.90 -29.95
N ASP A 127 -3.94 2.93 -30.84
CA ASP A 127 -4.35 1.55 -30.54
C ASP A 127 -3.48 0.52 -31.25
N ASN A 128 -3.70 -0.72 -30.85
CA ASN A 128 -3.00 -1.89 -31.38
C ASN A 128 -3.00 -1.90 -32.91
N ALA A 129 -4.16 -1.63 -33.48
CA ALA A 129 -4.36 -1.61 -34.93
C ALA A 129 -3.48 -0.57 -35.61
N SER A 130 -3.53 0.65 -35.10
CA SER A 130 -2.76 1.77 -35.68
C SER A 130 -1.27 1.59 -35.37
N LEU A 131 -0.98 0.95 -34.25
CA LEU A 131 0.42 0.70 -33.85
C LEU A 131 1.07 -0.28 -34.84
N LEU A 132 0.36 -1.36 -35.07
CA LEU A 132 0.78 -2.43 -35.98
C LEU A 132 1.01 -1.85 -37.38
N ARG A 133 0.06 -1.03 -37.78
CA ARG A 133 0.04 -0.37 -39.08
C ARG A 133 1.29 0.48 -39.28
N PHE A 134 1.55 1.29 -38.26
CA PHE A 134 2.71 2.19 -38.22
C PHE A 134 4.01 1.44 -38.47
N TYR A 135 4.22 0.36 -37.74
CA TYR A 135 5.42 -0.47 -37.84
C TYR A 135 5.53 -1.19 -39.17
N GLN A 136 4.40 -1.66 -39.66
CA GLN A 136 4.29 -2.38 -40.92
C GLN A 136 4.66 -1.52 -42.12
N ASN A 137 4.37 -0.23 -42.00
CA ASN A 137 4.62 0.71 -43.11
C ASN A 137 5.89 1.52 -42.98
N TRP A 138 6.62 1.32 -41.90
CA TRP A 138 7.88 2.05 -41.69
C TRP A 138 8.89 1.64 -42.76
N GLN A 139 9.54 2.67 -43.29
CA GLN A 139 10.59 2.49 -44.32
C GLN A 139 11.91 2.92 -43.66
N PRO A 140 12.79 1.96 -43.48
CA PRO A 140 14.10 2.19 -42.85
C PRO A 140 14.96 3.02 -43.80
N GLN A 141 15.70 3.94 -43.21
CA GLN A 141 16.60 4.83 -43.95
C GLN A 141 17.98 4.21 -44.12
N TRP A 142 18.36 3.35 -43.18
CA TRP A 142 19.64 2.64 -43.22
C TRP A 142 19.37 1.16 -42.93
N LYS A 143 20.42 0.38 -43.18
CA LYS A 143 20.39 -1.07 -42.94
C LYS A 143 20.62 -1.30 -41.44
N PRO A 144 20.08 -2.40 -40.96
CA PRO A 144 20.20 -2.77 -39.54
C PRO A 144 21.67 -2.89 -39.16
N GLY A 145 21.96 -2.51 -37.94
CA GLY A 145 23.30 -2.55 -37.37
C GLY A 145 24.33 -1.65 -38.01
N THR A 146 23.93 -0.53 -38.59
CA THR A 146 24.87 0.40 -39.22
C THR A 146 24.83 1.79 -38.61
N THR A 147 23.66 2.19 -38.15
CA THR A 147 23.47 3.55 -37.61
C THR A 147 22.59 3.61 -36.37
N ARG A 148 23.03 4.45 -35.44
CA ARG A 148 22.31 4.68 -34.18
C ARG A 148 21.49 5.97 -34.31
N LEU A 149 20.21 5.85 -34.03
CA LEU A 149 19.24 6.93 -34.04
C LEU A 149 18.34 6.77 -32.79
N TYR A 150 18.70 7.56 -31.79
CA TYR A 150 17.96 7.55 -30.51
C TYR A 150 16.48 7.73 -30.80
N ALA A 151 15.67 6.81 -30.30
CA ALA A 151 14.23 6.85 -30.53
C ALA A 151 13.40 6.06 -29.54
N ASN A 152 12.27 6.64 -29.19
CA ASN A 152 11.30 6.03 -28.26
C ASN A 152 10.63 4.84 -28.96
N ALA A 153 10.36 4.99 -30.24
CA ALA A 153 9.69 4.00 -31.06
C ALA A 153 10.48 2.68 -31.17
N SER A 154 11.74 2.75 -30.89
CA SER A 154 12.69 1.63 -30.93
C SER A 154 12.69 0.87 -29.60
N ILE A 155 13.20 1.50 -28.56
CA ILE A 155 13.25 0.89 -27.23
C ILE A 155 11.86 0.68 -26.65
N GLY A 156 10.91 1.46 -27.12
CA GLY A 156 9.51 1.34 -26.69
C GLY A 156 8.99 -0.07 -26.99
N LEU A 157 9.20 -0.50 -28.20
CA LEU A 157 8.78 -1.83 -28.68
C LEU A 157 9.59 -2.94 -28.00
N PHE A 158 10.87 -2.68 -27.80
CA PHE A 158 11.78 -3.62 -27.15
C PHE A 158 11.13 -4.09 -25.84
N GLY A 159 10.80 -3.09 -25.02
CA GLY A 159 10.18 -3.32 -23.72
C GLY A 159 8.86 -4.06 -23.79
N ALA A 160 7.99 -3.67 -24.70
CA ALA A 160 6.66 -4.28 -24.88
C ALA A 160 6.75 -5.76 -25.23
N LEU A 161 7.72 -6.09 -26.06
CA LEU A 161 8.01 -7.44 -26.55
C LEU A 161 8.72 -8.32 -25.53
N ALA A 162 9.69 -7.75 -24.87
CA ALA A 162 10.52 -8.41 -23.87
C ALA A 162 9.75 -9.10 -22.75
N VAL A 163 8.58 -8.62 -22.41
CA VAL A 163 7.75 -9.14 -21.33
C VAL A 163 6.71 -10.18 -21.74
N LYS A 164 6.58 -10.42 -23.01
CA LYS A 164 5.60 -11.37 -23.56
C LYS A 164 5.68 -12.74 -22.93
N PRO A 165 6.83 -13.38 -23.03
CA PRO A 165 7.06 -14.71 -22.48
C PRO A 165 6.73 -14.85 -21.01
N SER A 166 6.72 -13.75 -20.28
CA SER A 166 6.44 -13.74 -18.84
C SER A 166 4.96 -13.95 -18.55
N GLY A 167 4.13 -13.45 -19.44
CA GLY A 167 2.68 -13.53 -19.38
C GLY A 167 2.02 -12.36 -18.69
N MET A 168 2.85 -11.55 -18.05
CA MET A 168 2.42 -10.37 -17.30
C MET A 168 2.53 -9.10 -18.16
N PRO A 169 1.54 -8.24 -17.96
CA PRO A 169 1.52 -6.94 -18.66
C PRO A 169 2.74 -6.17 -18.14
N TYR A 170 3.23 -5.25 -18.95
CA TYR A 170 4.42 -4.46 -18.64
C TYR A 170 4.54 -3.97 -17.22
N GLU A 171 3.59 -3.14 -16.79
CA GLU A 171 3.60 -2.56 -15.45
C GLU A 171 3.68 -3.59 -14.34
N GLN A 172 3.10 -4.75 -14.57
CA GLN A 172 3.09 -5.85 -13.58
C GLN A 172 4.47 -6.50 -13.51
N ALA A 173 5.02 -6.76 -14.68
CA ALA A 173 6.34 -7.39 -14.82
C ALA A 173 7.42 -6.51 -14.18
N MET A 174 7.30 -5.20 -14.42
CA MET A 174 8.25 -4.22 -13.89
C MET A 174 8.24 -4.18 -12.37
N THR A 175 7.04 -4.17 -11.80
CA THR A 175 6.86 -4.12 -10.35
C THR A 175 7.37 -5.39 -9.67
N THR A 176 6.94 -6.52 -10.22
CA THR A 176 7.29 -7.84 -9.71
C THR A 176 8.78 -8.19 -9.77
N ARG A 177 9.40 -7.93 -10.92
CA ARG A 177 10.79 -8.26 -11.14
C ARG A 177 11.85 -7.23 -10.87
N VAL A 178 11.48 -5.96 -10.86
CA VAL A 178 12.47 -4.90 -10.63
C VAL A 178 12.25 -4.08 -9.38
N LEU A 179 11.09 -3.47 -9.25
CA LEU A 179 10.74 -2.61 -8.12
C LEU A 179 10.68 -3.31 -6.78
N LYS A 180 9.91 -4.37 -6.68
CA LYS A 180 9.73 -5.13 -5.44
C LYS A 180 11.03 -5.58 -4.82
N PRO A 181 11.83 -6.31 -5.60
CA PRO A 181 13.11 -6.84 -5.15
C PRO A 181 14.09 -5.78 -4.67
N LEU A 182 14.08 -4.64 -5.35
CA LEU A 182 15.00 -3.53 -5.00
C LEU A 182 14.43 -2.64 -3.91
N LYS A 183 13.19 -2.92 -3.55
CA LYS A 183 12.46 -2.18 -2.53
C LYS A 183 12.29 -0.71 -2.92
N LEU A 184 11.82 -0.55 -4.14
CA LEU A 184 11.51 0.74 -4.78
C LEU A 184 9.96 0.83 -4.71
N ASP A 185 9.52 1.05 -3.50
CA ASP A 185 8.12 1.16 -3.09
C ASP A 185 7.44 2.48 -3.46
N HIS A 186 8.20 3.41 -4.02
CA HIS A 186 7.64 4.72 -4.40
C HIS A 186 8.02 5.08 -5.83
N THR A 187 8.06 4.04 -6.64
CA THR A 187 8.38 4.14 -8.08
C THR A 187 7.11 3.69 -8.80
N TRP A 188 6.54 4.60 -9.56
CA TRP A 188 5.30 4.37 -10.27
C TRP A 188 5.30 4.67 -11.77
N ILE A 189 4.38 3.94 -12.39
CA ILE A 189 4.09 4.06 -13.83
C ILE A 189 2.77 4.88 -13.84
N ASN A 190 1.95 4.49 -12.89
CA ASN A 190 0.64 5.06 -12.58
C ASN A 190 0.65 5.35 -11.06
N VAL A 191 0.73 6.61 -10.74
CA VAL A 191 0.74 7.03 -9.31
C VAL A 191 -0.66 6.87 -8.73
N PRO A 192 -0.70 6.16 -7.62
CA PRO A 192 -1.95 5.89 -6.90
C PRO A 192 -2.47 7.17 -6.25
N LYS A 193 -3.77 7.17 -5.99
CA LYS A 193 -4.48 8.30 -5.38
C LYS A 193 -3.83 8.74 -4.08
N ALA A 194 -3.50 7.77 -3.27
CA ALA A 194 -2.89 7.94 -1.95
C ALA A 194 -1.56 8.67 -1.98
N GLU A 195 -0.85 8.50 -3.08
CA GLU A 195 0.47 9.08 -3.29
C GLU A 195 0.46 10.43 -4.00
N GLU A 196 -0.61 10.73 -4.68
CA GLU A 196 -0.81 11.93 -5.46
C GLU A 196 -0.44 13.23 -4.80
N ALA A 197 -0.47 13.29 -3.49
CA ALA A 197 -0.15 14.51 -2.72
C ALA A 197 1.33 14.87 -2.89
N HIS A 198 2.10 13.86 -3.23
CA HIS A 198 3.55 13.97 -3.41
C HIS A 198 3.97 14.28 -4.84
N TYR A 199 3.04 14.16 -5.75
CA TYR A 199 3.30 14.41 -7.19
C TYR A 199 3.42 15.90 -7.49
N ALA A 200 4.64 16.29 -7.82
CA ALA A 200 5.00 17.67 -8.15
C ALA A 200 4.36 18.06 -9.48
N TRP A 201 4.37 19.37 -9.71
CA TRP A 201 3.85 19.95 -10.95
C TRP A 201 5.12 20.30 -11.76
N GLY A 202 5.02 20.04 -13.04
CA GLY A 202 6.16 20.38 -13.95
C GLY A 202 5.78 21.81 -14.45
N TYR A 203 6.77 22.53 -14.90
CA TYR A 203 6.58 23.89 -15.42
C TYR A 203 7.26 24.05 -16.77
N ARG A 204 6.45 24.53 -17.70
CA ARG A 204 6.90 24.77 -19.07
C ARG A 204 6.98 26.25 -19.38
N ASP A 205 6.00 26.73 -20.11
CA ASP A 205 5.92 28.14 -20.52
C ASP A 205 5.13 28.96 -19.51
N GLY A 206 5.54 28.81 -18.26
CA GLY A 206 4.92 29.50 -17.13
C GLY A 206 3.79 28.63 -16.56
N LYS A 207 3.30 27.75 -17.41
CA LYS A 207 2.21 26.83 -17.08
C LYS A 207 2.70 25.54 -16.44
N ALA A 208 1.87 25.07 -15.52
CA ALA A 208 2.10 23.81 -14.78
C ALA A 208 1.65 22.69 -15.72
N VAL A 209 2.45 21.64 -15.82
CA VAL A 209 2.13 20.52 -16.69
C VAL A 209 2.66 19.19 -16.16
N ARG A 210 1.93 18.15 -16.55
CA ARG A 210 2.23 16.75 -16.24
C ARG A 210 2.20 15.99 -17.56
N VAL A 211 2.92 14.89 -17.62
CA VAL A 211 3.03 14.05 -18.81
C VAL A 211 1.69 13.42 -19.19
N SER A 212 1.43 13.41 -20.49
CA SER A 212 0.20 12.82 -21.03
C SER A 212 0.45 11.38 -21.49
N PRO A 213 -0.65 10.65 -21.49
CA PRO A 213 -0.66 9.24 -21.91
C PRO A 213 -0.30 9.20 -23.39
N GLY A 214 0.48 8.20 -23.76
CA GLY A 214 0.91 8.00 -25.16
C GLY A 214 1.19 6.52 -25.34
N MET A 215 1.24 6.09 -26.59
CA MET A 215 1.53 4.67 -26.88
C MET A 215 3.00 4.42 -26.52
N LEU A 216 3.24 3.34 -25.80
CA LEU A 216 4.58 2.94 -25.36
C LEU A 216 5.16 3.93 -24.34
N ASP A 217 4.30 4.68 -23.68
CA ASP A 217 4.77 5.67 -22.69
C ASP A 217 5.52 4.99 -21.55
N ALA A 218 4.92 3.94 -21.02
CA ALA A 218 5.49 3.21 -19.87
C ALA A 218 6.92 2.76 -20.12
N GLN A 219 7.14 2.19 -21.28
CA GLN A 219 8.42 1.66 -21.73
C GLN A 219 9.49 2.69 -22.04
N ALA A 220 9.08 3.87 -22.45
CA ALA A 220 10.03 4.90 -22.86
C ALA A 220 10.18 6.14 -22.02
N TYR A 221 9.16 6.62 -21.33
CA TYR A 221 9.32 7.86 -20.55
C TYR A 221 8.35 8.13 -19.43
N GLY A 222 7.55 7.18 -19.01
CA GLY A 222 6.54 7.31 -18.00
C GLY A 222 6.76 6.97 -16.57
N VAL A 223 7.98 6.80 -16.10
CA VAL A 223 8.23 6.46 -14.70
C VAL A 223 8.32 7.74 -13.85
N LYS A 224 7.77 7.61 -12.65
CA LYS A 224 7.72 8.67 -11.64
C LYS A 224 8.31 8.13 -10.33
N THR A 225 9.19 8.88 -9.73
CA THR A 225 9.86 8.53 -8.48
C THR A 225 10.28 9.76 -7.65
N ASN A 226 10.80 9.38 -6.49
CA ASN A 226 11.35 10.35 -5.52
C ASN A 226 12.87 10.14 -5.54
N VAL A 227 13.57 11.08 -4.95
CA VAL A 227 15.03 11.06 -4.89
C VAL A 227 15.55 9.89 -4.08
N GLN A 228 14.69 9.37 -3.22
CA GLN A 228 15.05 8.27 -2.33
C GLN A 228 15.20 6.95 -3.10
N ASP A 229 14.16 6.61 -3.85
CA ASP A 229 14.14 5.38 -4.65
C ASP A 229 15.19 5.45 -5.75
N MET A 230 15.36 6.65 -6.26
CA MET A 230 16.32 6.92 -7.34
C MET A 230 17.74 6.69 -6.89
N ALA A 231 18.01 7.06 -5.64
CA ALA A 231 19.35 6.91 -5.06
C ALA A 231 19.65 5.42 -4.89
N ASN A 232 18.63 4.70 -4.48
CA ASN A 232 18.67 3.24 -4.28
C ASN A 232 18.85 2.52 -5.62
N TRP A 233 18.27 3.12 -6.65
CA TRP A 233 18.36 2.61 -8.03
C TRP A 233 19.82 2.71 -8.49
N VAL A 234 20.42 3.86 -8.24
CA VAL A 234 21.83 4.12 -8.60
C VAL A 234 22.77 3.13 -7.92
N MET A 235 22.56 2.97 -6.63
CA MET A 235 23.37 2.08 -5.78
C MET A 235 23.32 0.65 -6.27
N ALA A 236 22.13 0.19 -6.63
CA ALA A 236 21.94 -1.16 -7.15
C ALA A 236 22.68 -1.38 -8.47
N ASN A 237 22.80 -0.32 -9.24
CA ASN A 237 23.44 -0.32 -10.56
C ASN A 237 24.96 -0.17 -10.50
N MET A 238 25.41 0.55 -9.50
CA MET A 238 26.84 0.82 -9.29
C MET A 238 27.54 -0.35 -8.60
N ALA A 239 26.79 -1.13 -7.85
CA ALA A 239 27.31 -2.30 -7.13
C ALA A 239 26.31 -3.44 -7.12
N PRO A 240 26.19 -4.10 -8.27
CA PRO A 240 25.26 -5.20 -8.47
C PRO A 240 25.50 -6.45 -7.65
N GLU A 241 26.71 -6.60 -7.12
CA GLU A 241 27.07 -7.76 -6.31
C GLU A 241 26.23 -7.86 -5.05
N ASN A 242 25.65 -6.74 -4.65
CA ASN A 242 24.81 -6.64 -3.45
C ASN A 242 23.36 -7.03 -3.70
N VAL A 243 23.00 -7.32 -4.93
CA VAL A 243 21.63 -7.71 -5.28
C VAL A 243 21.43 -9.21 -5.08
N ALA A 244 20.46 -9.56 -4.26
CA ALA A 244 20.10 -10.91 -3.89
C ALA A 244 19.55 -11.78 -5.00
N ASP A 245 18.70 -11.20 -5.82
CA ASP A 245 18.06 -11.91 -6.95
C ASP A 245 19.11 -12.12 -8.05
N ALA A 246 19.33 -13.38 -8.36
CA ALA A 246 20.29 -13.85 -9.34
C ALA A 246 20.09 -13.34 -10.76
N SER A 247 18.86 -13.34 -11.22
CA SER A 247 18.55 -12.88 -12.58
C SER A 247 18.60 -11.36 -12.67
N LEU A 248 18.20 -10.69 -11.59
CA LEU A 248 18.22 -9.22 -11.52
C LEU A 248 19.67 -8.74 -11.57
N LYS A 249 20.47 -9.43 -10.80
CA LYS A 249 21.91 -9.22 -10.67
C LYS A 249 22.57 -9.23 -12.05
N GLN A 250 22.27 -10.25 -12.80
CA GLN A 250 22.78 -10.46 -14.16
C GLN A 250 22.15 -9.45 -15.12
N GLY A 251 20.87 -9.19 -14.88
CA GLY A 251 20.09 -8.24 -15.70
C GLY A 251 20.79 -6.87 -15.72
N ILE A 252 21.25 -6.49 -14.54
CA ILE A 252 21.97 -5.23 -14.31
C ILE A 252 23.30 -5.20 -15.06
N ALA A 253 23.96 -6.34 -15.08
CA ALA A 253 25.26 -6.49 -15.77
C ALA A 253 25.03 -6.43 -17.27
N LEU A 254 23.95 -7.04 -17.72
CA LEU A 254 23.59 -7.05 -19.14
C LEU A 254 23.30 -5.65 -19.66
N ALA A 255 22.68 -4.84 -18.82
CA ALA A 255 22.32 -3.45 -19.15
C ALA A 255 23.53 -2.53 -19.19
N GLN A 256 24.59 -2.87 -18.50
CA GLN A 256 25.82 -2.09 -18.45
C GLN A 256 26.91 -2.64 -19.36
N SER A 257 26.59 -3.67 -20.12
CA SER A 257 27.54 -4.28 -21.08
C SER A 257 27.64 -3.30 -22.26
N ARG A 258 28.73 -3.40 -23.00
CA ARG A 258 28.97 -2.53 -24.16
C ARG A 258 28.73 -3.29 -25.45
N TYR A 259 27.67 -2.86 -26.13
CA TYR A 259 27.21 -3.44 -27.37
C TYR A 259 27.69 -2.77 -28.64
N TRP A 260 27.79 -1.45 -28.59
CA TRP A 260 28.25 -0.67 -29.75
C TRP A 260 29.18 0.47 -29.27
N ARG A 261 30.00 0.87 -30.20
CA ARG A 261 30.97 1.97 -30.03
C ARG A 261 30.52 3.07 -31.03
N ILE A 262 30.31 4.24 -30.49
CA ILE A 262 29.90 5.44 -31.20
C ILE A 262 30.83 6.58 -30.75
N GLY A 263 31.98 6.63 -31.40
CA GLY A 263 33.00 7.61 -31.06
C GLY A 263 33.63 7.25 -29.70
N SER A 264 33.29 8.06 -28.71
CA SER A 264 33.81 7.88 -27.35
C SER A 264 32.81 7.27 -26.39
N MET A 265 31.59 7.11 -26.85
CA MET A 265 30.52 6.54 -26.02
C MET A 265 30.20 5.10 -26.40
N TYR A 266 29.69 4.40 -25.41
CA TYR A 266 29.27 3.00 -25.51
C TYR A 266 27.79 2.90 -25.16
N GLN A 267 27.09 2.16 -26.00
CA GLN A 267 25.64 1.95 -25.82
C GLN A 267 25.41 0.66 -25.06
N GLY A 268 24.70 0.79 -23.96
CA GLY A 268 24.32 -0.36 -23.11
C GLY A 268 22.82 -0.54 -23.40
N LEU A 269 22.13 -1.16 -22.47
CA LEU A 269 20.66 -1.36 -22.57
C LEU A 269 20.09 -0.22 -21.71
N GLY A 270 19.67 0.84 -22.36
CA GLY A 270 19.15 2.03 -21.64
C GLY A 270 20.30 2.95 -21.25
N TRP A 271 21.25 2.42 -20.49
CA TRP A 271 22.43 3.11 -20.01
C TRP A 271 23.40 3.43 -21.15
N GLU A 272 24.08 4.55 -20.96
CA GLU A 272 25.12 5.04 -21.88
C GLU A 272 26.38 5.21 -21.04
N MET A 273 27.51 4.86 -21.63
CA MET A 273 28.78 4.88 -20.91
C MET A 273 29.94 5.45 -21.73
N LEU A 274 30.86 6.01 -20.97
CA LEU A 274 32.11 6.59 -21.48
C LEU A 274 33.21 6.03 -20.55
N ASN A 275 34.40 5.88 -21.09
CA ASN A 275 35.53 5.37 -20.28
C ASN A 275 35.92 6.50 -19.30
N TRP A 276 36.28 6.08 -18.11
CA TRP A 276 36.71 7.02 -17.06
C TRP A 276 38.22 6.80 -16.91
N PRO A 277 39.01 7.85 -16.87
CA PRO A 277 38.64 9.25 -16.91
C PRO A 277 38.26 9.79 -18.28
N VAL A 278 37.34 10.74 -18.21
CA VAL A 278 36.80 11.45 -19.38
C VAL A 278 36.81 12.96 -19.08
N GLU A 279 37.07 13.72 -20.12
CA GLU A 279 37.11 15.19 -20.04
C GLU A 279 35.68 15.71 -20.09
N ALA A 280 35.41 16.69 -19.24
CA ALA A 280 34.11 17.34 -19.10
C ALA A 280 33.48 17.74 -20.43
N ASN A 281 34.24 18.43 -21.25
CA ASN A 281 33.78 18.89 -22.57
C ASN A 281 33.24 17.72 -23.39
N THR A 282 33.86 16.56 -23.25
CA THR A 282 33.45 15.36 -23.99
C THR A 282 32.02 14.97 -23.61
N VAL A 283 31.79 14.86 -22.32
CA VAL A 283 30.47 14.49 -21.79
C VAL A 283 29.44 15.58 -22.09
N VAL A 284 29.77 16.81 -21.76
CA VAL A 284 28.90 17.97 -21.96
C VAL A 284 28.47 18.14 -23.42
N GLU A 285 29.45 18.13 -24.29
CA GLU A 285 29.27 18.29 -25.74
C GLU A 285 28.37 17.23 -26.34
N GLY A 286 28.55 15.99 -25.92
CA GLY A 286 27.77 14.85 -26.40
C GLY A 286 26.31 14.91 -26.00
N SER A 287 26.02 15.58 -24.91
CA SER A 287 24.67 15.72 -24.35
C SER A 287 23.78 16.70 -25.10
N ASP A 288 24.38 17.59 -25.87
CA ASP A 288 23.60 18.57 -26.64
C ASP A 288 22.78 17.82 -27.71
N SER A 289 21.56 18.28 -27.89
CA SER A 289 20.59 17.75 -28.83
C SER A 289 21.19 17.56 -30.22
N LYS A 290 22.01 18.51 -30.63
CA LYS A 290 22.65 18.50 -31.94
C LYS A 290 23.40 17.19 -32.17
N VAL A 291 23.93 16.61 -31.11
CA VAL A 291 24.69 15.37 -31.16
C VAL A 291 23.82 14.17 -30.74
N ALA A 292 23.24 14.28 -29.57
CA ALA A 292 22.39 13.28 -28.95
C ALA A 292 21.25 12.75 -29.81
N LEU A 293 20.65 13.60 -30.62
CA LEU A 293 19.53 13.21 -31.48
C LEU A 293 19.91 12.91 -32.91
N ALA A 294 21.16 13.02 -33.25
CA ALA A 294 21.65 12.76 -34.61
C ALA A 294 21.97 11.30 -34.88
N PRO A 295 21.81 10.94 -36.15
CA PRO A 295 22.12 9.58 -36.65
C PRO A 295 23.64 9.51 -36.80
N LEU A 296 24.24 8.53 -36.16
CA LEU A 296 25.70 8.35 -36.20
C LEU A 296 26.06 6.89 -36.45
N PRO A 297 27.21 6.69 -37.08
CA PRO A 297 27.71 5.35 -37.38
C PRO A 297 28.16 4.64 -36.11
N VAL A 298 27.94 3.34 -36.10
CA VAL A 298 28.32 2.49 -34.96
C VAL A 298 29.37 1.46 -35.40
N ALA A 299 30.07 0.98 -34.41
CA ALA A 299 31.09 -0.06 -34.50
C ALA A 299 30.63 -1.15 -33.50
N GLU A 300 30.46 -2.35 -34.02
CA GLU A 300 30.00 -3.45 -33.18
C GLU A 300 31.07 -3.92 -32.21
N VAL A 301 30.58 -4.37 -31.06
CA VAL A 301 31.41 -4.94 -29.99
C VAL A 301 30.84 -6.37 -29.82
N ASN A 302 31.54 -7.26 -30.50
CA ASN A 302 31.16 -8.68 -30.52
C ASN A 302 32.35 -9.58 -30.18
N PRO A 303 32.24 -10.33 -29.09
CA PRO A 303 31.12 -10.36 -28.16
C PRO A 303 31.08 -9.06 -27.37
N PRO A 304 29.92 -8.79 -26.79
CA PRO A 304 29.70 -7.60 -25.99
C PRO A 304 30.63 -7.66 -24.77
N ALA A 305 31.20 -6.52 -24.45
CA ALA A 305 32.10 -6.40 -23.30
C ALA A 305 31.28 -6.26 -22.02
N PRO A 306 31.60 -7.13 -21.07
CA PRO A 306 30.95 -7.07 -19.75
C PRO A 306 31.29 -5.69 -19.17
N PRO A 307 30.52 -5.29 -18.17
CA PRO A 307 30.69 -3.99 -17.53
C PRO A 307 32.11 -3.64 -17.12
N VAL A 308 32.48 -2.40 -17.42
CA VAL A 308 33.81 -1.87 -17.05
C VAL A 308 33.64 -0.93 -15.86
N LYS A 309 34.34 -1.25 -14.79
CA LYS A 309 34.30 -0.49 -13.53
C LYS A 309 34.67 0.97 -13.74
N ALA A 310 35.69 1.16 -14.55
CA ALA A 310 36.22 2.48 -14.89
C ALA A 310 35.44 3.13 -16.03
N SER A 311 34.20 3.48 -15.72
CA SER A 311 33.31 4.11 -16.68
C SER A 311 32.53 5.25 -15.98
N TRP A 312 31.98 6.06 -16.85
CA TRP A 312 31.11 7.18 -16.51
C TRP A 312 29.75 6.70 -17.07
N VAL A 313 28.92 6.19 -16.19
CA VAL A 313 27.59 5.67 -16.61
C VAL A 313 26.56 6.77 -16.35
N HIS A 314 25.79 7.08 -17.39
CA HIS A 314 24.79 8.17 -17.22
C HIS A 314 23.61 8.06 -18.14
N LYS A 315 22.64 8.94 -17.88
CA LYS A 315 21.40 9.04 -18.65
C LYS A 315 20.67 10.34 -18.34
N THR A 316 20.25 11.00 -19.40
CA THR A 316 19.49 12.26 -19.32
C THR A 316 18.03 11.89 -19.60
N GLY A 317 17.11 12.67 -19.06
CA GLY A 317 15.68 12.40 -19.28
C GLY A 317 14.87 13.66 -19.07
N SER A 318 13.88 13.86 -19.92
CA SER A 318 13.00 15.01 -19.88
C SER A 318 11.56 14.68 -20.30
N THR A 319 10.68 15.55 -19.84
CA THR A 319 9.25 15.52 -20.14
C THR A 319 8.91 16.96 -20.48
N GLY A 320 7.67 17.21 -20.83
CA GLY A 320 7.28 18.59 -21.19
C GLY A 320 7.70 19.56 -20.08
N GLY A 321 7.56 19.14 -18.83
CA GLY A 321 7.90 20.01 -17.71
C GLY A 321 8.92 19.55 -16.72
N PHE A 322 9.63 18.46 -16.96
CA PHE A 322 10.65 17.97 -16.01
C PHE A 322 11.98 17.79 -16.71
N GLY A 323 13.05 17.85 -15.95
CA GLY A 323 14.43 17.66 -16.45
C GLY A 323 15.24 16.93 -15.38
N SER A 324 15.69 15.73 -15.70
CA SER A 324 16.45 14.88 -14.78
C SER A 324 17.75 14.38 -15.41
N TYR A 325 18.66 13.98 -14.53
CA TYR A 325 19.98 13.46 -14.89
C TYR A 325 20.52 12.57 -13.77
N VAL A 326 21.21 11.51 -14.17
CA VAL A 326 21.83 10.53 -13.29
C VAL A 326 23.21 10.18 -13.86
N ALA A 327 24.20 10.09 -13.00
CA ALA A 327 25.57 9.73 -13.38
C ALA A 327 26.29 9.05 -12.21
N PHE A 328 27.10 8.06 -12.55
CA PHE A 328 27.89 7.31 -11.56
C PHE A 328 29.14 6.73 -12.21
N ILE A 329 30.12 6.49 -11.35
CA ILE A 329 31.44 5.91 -11.67
C ILE A 329 31.65 4.75 -10.69
N PRO A 330 31.36 3.56 -11.17
CA PRO A 330 31.47 2.35 -10.35
C PRO A 330 32.81 2.18 -9.67
N GLU A 331 33.89 2.50 -10.37
CA GLU A 331 35.23 2.36 -9.84
C GLU A 331 35.44 3.16 -8.56
N LYS A 332 34.94 4.37 -8.55
CA LYS A 332 35.07 5.31 -7.45
C LYS A 332 33.94 5.31 -6.44
N GLN A 333 32.93 4.50 -6.67
CA GLN A 333 31.76 4.36 -5.81
C GLN A 333 31.03 5.65 -5.53
N ILE A 334 31.01 6.53 -6.52
CA ILE A 334 30.31 7.83 -6.43
C ILE A 334 29.25 7.91 -7.52
N GLY A 335 28.20 8.64 -7.20
CA GLY A 335 27.07 8.87 -8.09
C GLY A 335 26.34 10.17 -7.72
N ILE A 336 25.45 10.57 -8.61
CA ILE A 336 24.64 11.77 -8.42
C ILE A 336 23.28 11.62 -9.12
N VAL A 337 22.29 12.22 -8.49
CA VAL A 337 20.92 12.25 -8.99
C VAL A 337 20.42 13.70 -8.88
N MET A 338 19.93 14.20 -10.00
CA MET A 338 19.41 15.56 -10.09
C MET A 338 18.01 15.49 -10.75
N LEU A 339 17.00 15.76 -9.95
CA LEU A 339 15.60 15.77 -10.42
C LEU A 339 15.09 17.21 -10.32
N ALA A 340 14.62 17.75 -11.42
CA ALA A 340 14.10 19.13 -11.51
C ALA A 340 12.71 19.15 -12.13
N ASN A 341 11.92 20.15 -11.74
CA ASN A 341 10.55 20.31 -12.24
C ASN A 341 10.44 21.38 -13.31
N THR A 342 11.48 21.48 -14.11
CA THR A 342 11.59 22.34 -15.26
C THR A 342 12.64 21.68 -16.18
N SER A 343 12.33 21.70 -17.46
CA SER A 343 13.18 21.10 -18.49
C SER A 343 14.19 22.16 -18.97
N TYR A 344 15.40 22.06 -18.46
CA TYR A 344 16.50 22.98 -18.80
C TYR A 344 17.50 22.16 -19.63
N PRO A 345 18.31 22.86 -20.41
CA PRO A 345 19.29 22.27 -21.30
C PRO A 345 20.16 21.18 -20.71
N ASN A 346 20.34 20.14 -21.52
CA ASN A 346 21.12 18.94 -21.21
C ASN A 346 22.52 19.29 -20.70
N PRO A 347 23.24 20.04 -21.53
CA PRO A 347 24.61 20.45 -21.23
C PRO A 347 24.81 21.03 -19.83
N ALA A 348 23.87 21.81 -19.35
CA ALA A 348 23.91 22.44 -18.03
C ALA A 348 23.78 21.43 -16.90
N ARG A 349 23.03 20.37 -17.14
CA ARG A 349 22.83 19.32 -16.12
C ARG A 349 24.13 18.55 -15.91
N VAL A 350 24.72 18.23 -17.06
CA VAL A 350 25.95 17.46 -17.13
C VAL A 350 27.14 18.19 -16.52
N GLU A 351 27.21 19.48 -16.82
CA GLU A 351 28.29 20.35 -16.34
C GLU A 351 28.27 20.44 -14.81
N ALA A 352 27.08 20.61 -14.28
CA ALA A 352 26.81 20.71 -12.86
C ALA A 352 27.17 19.42 -12.12
N ALA A 353 26.78 18.31 -12.70
CA ALA A 353 27.01 16.98 -12.12
C ALA A 353 28.50 16.64 -12.10
N TYR A 354 29.17 16.97 -13.19
CA TYR A 354 30.59 16.71 -13.36
C TYR A 354 31.41 17.46 -12.29
N HIS A 355 31.07 18.72 -12.12
CA HIS A 355 31.77 19.59 -11.16
C HIS A 355 31.67 19.10 -9.73
N ILE A 356 30.48 18.66 -9.30
CA ILE A 356 30.35 18.17 -7.93
C ILE A 356 31.12 16.87 -7.78
N LEU A 357 30.97 15.98 -8.75
CA LEU A 357 31.65 14.68 -8.75
C LEU A 357 33.17 14.87 -8.83
N GLU A 358 33.58 15.98 -9.41
CA GLU A 358 35.01 16.31 -9.57
C GLU A 358 35.65 16.50 -8.20
N ALA A 359 34.82 16.91 -7.25
CA ALA A 359 35.28 17.09 -5.85
C ALA A 359 35.25 15.65 -5.29
N LEU A 360 35.60 14.76 -6.22
CA LEU A 360 35.66 13.32 -6.05
C LEU A 360 35.24 12.85 -4.66
N PRO B 2 -31.61 18.43 16.50
CA PRO B 2 -31.82 18.95 15.15
C PRO B 2 -30.62 19.74 14.65
N VAL B 3 -29.91 19.12 13.74
CA VAL B 3 -28.72 19.67 13.09
C VAL B 3 -27.76 20.34 14.07
N SER B 4 -27.61 21.64 13.87
CA SER B 4 -26.75 22.52 14.65
C SER B 4 -25.43 21.83 15.00
N GLU B 5 -24.47 22.06 14.12
CA GLU B 5 -23.11 21.50 14.26
C GLU B 5 -22.37 22.23 15.39
N LYS B 6 -22.98 23.34 15.75
CA LYS B 6 -22.48 24.20 16.84
C LYS B 6 -22.81 23.47 18.16
N GLN B 7 -24.09 23.23 18.32
CA GLN B 7 -24.69 22.55 19.47
C GLN B 7 -24.18 21.12 19.64
N LEU B 8 -23.89 20.46 18.53
CA LEU B 8 -23.42 19.08 18.50
C LEU B 8 -22.04 18.91 19.12
N ALA B 9 -21.13 19.79 18.75
CA ALA B 9 -19.75 19.76 19.26
C ALA B 9 -19.77 20.03 20.76
N GLU B 10 -20.78 20.80 21.15
CA GLU B 10 -21.03 21.20 22.53
C GLU B 10 -21.40 19.99 23.38
N VAL B 11 -22.32 19.19 22.85
CA VAL B 11 -22.81 17.97 23.51
C VAL B 11 -21.65 17.02 23.77
N VAL B 12 -20.90 16.79 22.71
CA VAL B 12 -19.74 15.91 22.70
C VAL B 12 -18.68 16.32 23.71
N ALA B 13 -18.34 17.59 23.70
CA ALA B 13 -17.32 18.15 24.60
C ALA B 13 -17.78 18.20 26.05
N ASN B 14 -19.03 18.52 26.22
CA ASN B 14 -19.67 18.65 27.55
C ASN B 14 -19.71 17.29 28.24
N THR B 15 -19.69 16.27 27.40
CA THR B 15 -19.75 14.88 27.86
C THR B 15 -18.39 14.27 28.07
N ILE B 16 -17.62 14.18 27.00
CA ILE B 16 -16.29 13.58 26.97
C ILE B 16 -15.24 14.27 27.81
N THR B 17 -15.45 15.52 28.17
CA THR B 17 -14.47 16.27 28.97
C THR B 17 -14.45 15.86 30.42
N PRO B 18 -15.62 15.90 31.06
CA PRO B 18 -15.75 15.51 32.47
C PRO B 18 -15.34 14.06 32.68
N LEU B 19 -15.56 13.26 31.64
CA LEU B 19 -15.26 11.84 31.61
C LEU B 19 -13.75 11.54 31.59
N MET B 20 -13.07 12.18 30.66
CA MET B 20 -11.62 11.99 30.47
C MET B 20 -10.87 12.33 31.76
N LYS B 21 -11.33 13.40 32.39
CA LYS B 21 -10.76 13.91 33.64
C LYS B 21 -11.02 12.96 34.80
N ALA B 22 -12.25 12.52 34.94
CA ALA B 22 -12.69 11.62 36.00
C ALA B 22 -12.05 10.23 35.91
N GLN B 23 -12.02 9.70 34.70
CA GLN B 23 -11.50 8.36 34.41
C GLN B 23 -10.03 8.34 34.02
N SER B 24 -9.39 9.49 34.14
CA SER B 24 -7.97 9.65 33.81
C SER B 24 -7.61 9.06 32.45
N VAL B 25 -8.32 9.49 31.42
CA VAL B 25 -8.09 9.01 30.04
C VAL B 25 -7.18 10.00 29.30
N PRO B 26 -6.05 9.49 28.83
CA PRO B 26 -5.05 10.27 28.11
C PRO B 26 -5.47 10.79 26.76
N GLY B 27 -6.06 9.94 25.93
CA GLY B 27 -6.49 10.33 24.59
C GLY B 27 -7.78 9.62 24.20
N MET B 28 -8.52 10.28 23.32
CA MET B 28 -9.81 9.78 22.83
C MET B 28 -10.15 10.38 21.46
N ALA B 29 -10.72 9.51 20.63
CA ALA B 29 -11.17 9.86 19.28
C ALA B 29 -12.67 9.55 19.27
N VAL B 30 -13.46 10.50 18.85
CA VAL B 30 -14.92 10.35 18.82
C VAL B 30 -15.50 10.75 17.46
N ALA B 31 -16.44 9.92 17.05
CA ALA B 31 -17.19 10.09 15.81
C ALA B 31 -18.68 9.90 16.14
N VAL B 32 -19.47 10.86 15.67
CA VAL B 32 -20.93 10.78 15.84
C VAL B 32 -21.49 10.86 14.42
N ILE B 33 -22.42 9.97 14.16
CA ILE B 33 -23.09 9.89 12.85
C ILE B 33 -24.48 10.49 13.04
N TYR B 34 -24.71 11.54 12.29
CA TYR B 34 -25.96 12.33 12.34
C TYR B 34 -26.30 12.83 10.95
N GLN B 35 -27.55 12.66 10.59
CA GLN B 35 -28.09 13.08 9.28
C GLN B 35 -27.22 12.53 8.14
N GLY B 36 -26.72 11.33 8.34
CA GLY B 36 -25.91 10.59 7.39
C GLY B 36 -24.53 11.11 7.10
N LYS B 37 -23.86 11.62 8.12
CA LYS B 37 -22.48 12.13 7.98
C LYS B 37 -21.79 12.06 9.34
N PRO B 38 -20.58 11.52 9.31
CA PRO B 38 -19.76 11.40 10.50
C PRO B 38 -19.18 12.77 10.87
N HIS B 39 -19.06 12.97 12.16
CA HIS B 39 -18.48 14.20 12.75
C HIS B 39 -17.42 13.71 13.73
N TYR B 40 -16.19 14.07 13.43
CA TYR B 40 -15.02 13.68 14.20
C TYR B 40 -14.57 14.70 15.24
N TYR B 41 -14.19 14.16 16.38
CA TYR B 41 -13.70 14.90 17.54
C TYR B 41 -12.54 14.11 18.16
N THR B 42 -11.46 14.84 18.39
CA THR B 42 -10.23 14.28 18.97
C THR B 42 -9.84 15.06 20.22
N PHE B 43 -9.39 14.30 21.20
CA PHE B 43 -8.98 14.79 22.52
C PHE B 43 -7.72 14.07 23.02
N GLY B 44 -6.85 14.85 23.62
CA GLY B 44 -5.62 14.40 24.24
C GLY B 44 -4.51 13.91 23.35
N LYS B 45 -3.72 13.00 23.92
CA LYS B 45 -2.55 12.40 23.32
C LYS B 45 -2.61 10.89 23.12
N ALA B 46 -1.98 10.52 22.01
CA ALA B 46 -1.83 9.15 21.55
C ALA B 46 -0.56 8.55 22.19
N ASP B 47 0.36 9.46 22.49
CA ASP B 47 1.66 9.07 23.10
C ASP B 47 2.13 10.21 24.02
N ILE B 48 2.10 9.94 25.31
CA ILE B 48 2.51 10.89 26.36
C ILE B 48 3.98 11.28 26.19
N ALA B 49 4.84 10.33 26.46
CA ALA B 49 6.29 10.48 26.39
C ALA B 49 6.77 11.21 25.14
N ALA B 50 6.08 11.01 24.03
CA ALA B 50 6.42 11.63 22.75
C ALA B 50 5.59 12.86 22.41
N ASN B 51 4.64 13.19 23.27
CA ASN B 51 3.77 14.36 23.10
C ASN B 51 3.12 14.34 21.71
N LYS B 52 2.45 13.25 21.44
CA LYS B 52 1.74 13.05 20.16
C LYS B 52 0.24 13.10 20.43
N PRO B 53 -0.40 14.06 19.75
CA PRO B 53 -1.83 14.27 19.88
C PRO B 53 -2.63 13.21 19.13
N VAL B 54 -3.89 13.13 19.53
CA VAL B 54 -4.84 12.20 18.90
C VAL B 54 -5.37 12.92 17.64
N THR B 55 -5.41 12.18 16.56
CA THR B 55 -5.90 12.66 15.26
C THR B 55 -6.82 11.59 14.67
N PRO B 56 -7.55 11.97 13.64
CA PRO B 56 -8.47 11.06 12.94
C PRO B 56 -7.74 9.86 12.34
N GLN B 57 -6.42 9.92 12.32
CA GLN B 57 -5.61 8.83 11.76
C GLN B 57 -4.96 7.98 12.84
N THR B 58 -5.14 8.36 14.08
CA THR B 58 -4.58 7.60 15.20
C THR B 58 -5.23 6.21 15.31
N LEU B 59 -4.38 5.21 15.40
CA LEU B 59 -4.78 3.81 15.51
C LEU B 59 -4.92 3.39 16.98
N PHE B 60 -6.07 2.83 17.25
CA PHE B 60 -6.49 2.31 18.56
C PHE B 60 -6.73 0.79 18.45
N GLU B 61 -6.54 0.12 19.56
CA GLU B 61 -6.78 -1.34 19.66
C GLU B 61 -8.27 -1.51 19.99
N LEU B 62 -8.98 -2.27 19.17
CA LEU B 62 -10.42 -2.47 19.34
C LEU B 62 -10.84 -3.46 20.40
N GLY B 63 -9.97 -4.41 20.68
CA GLY B 63 -10.32 -5.46 21.68
C GLY B 63 -11.51 -6.22 21.10
N SER B 64 -12.47 -6.52 21.94
CA SER B 64 -13.67 -7.27 21.57
C SER B 64 -14.55 -6.69 20.49
N ILE B 65 -14.38 -5.44 20.11
CA ILE B 65 -15.22 -4.86 19.02
C ILE B 65 -14.79 -5.58 17.73
N SER B 66 -13.69 -6.28 17.87
CA SER B 66 -13.08 -7.09 16.83
C SER B 66 -14.01 -8.21 16.36
N LYS B 67 -14.78 -8.73 17.30
CA LYS B 67 -15.73 -9.80 17.11
C LYS B 67 -16.84 -9.44 16.12
N THR B 68 -17.06 -8.15 15.91
CA THR B 68 -18.12 -7.70 14.99
C THR B 68 -17.68 -7.96 13.56
N PHE B 69 -16.37 -7.91 13.36
CA PHE B 69 -15.74 -8.17 12.05
C PHE B 69 -15.83 -9.69 11.81
N THR B 70 -15.56 -10.44 12.86
CA THR B 70 -15.60 -11.91 12.88
C THR B 70 -17.01 -12.40 12.50
N GLY B 71 -18.00 -11.75 13.10
CA GLY B 71 -19.41 -12.05 12.88
C GLY B 71 -19.84 -11.76 11.45
N VAL B 72 -19.41 -10.63 10.94
CA VAL B 72 -19.73 -10.19 9.56
C VAL B 72 -18.98 -11.05 8.55
N LEU B 73 -17.74 -11.42 8.84
CA LEU B 73 -16.95 -12.31 7.95
C LEU B 73 -17.68 -13.67 7.86
N GLY B 74 -18.13 -14.12 9.03
CA GLY B 74 -18.86 -15.37 9.20
C GLY B 74 -20.16 -15.33 8.42
N GLY B 75 -20.81 -14.19 8.49
CA GLY B 75 -22.07 -13.94 7.81
C GLY B 75 -21.91 -14.03 6.30
N ASP B 76 -20.84 -13.41 5.82
CA ASP B 76 -20.51 -13.39 4.37
C ASP B 76 -20.32 -14.84 3.89
N ALA B 77 -19.61 -15.60 4.70
CA ALA B 77 -19.33 -17.01 4.42
C ALA B 77 -20.62 -17.81 4.28
N ILE B 78 -21.59 -17.47 5.11
CA ILE B 78 -22.91 -18.12 5.12
C ILE B 78 -23.68 -17.76 3.83
N ALA B 79 -23.64 -16.48 3.51
CA ALA B 79 -24.30 -15.91 2.35
C ALA B 79 -23.82 -16.55 1.04
N ARG B 80 -22.53 -16.86 1.01
CA ARG B 80 -21.86 -17.49 -0.12
C ARG B 80 -22.21 -18.97 -0.24
N GLY B 81 -22.70 -19.51 0.85
CA GLY B 81 -23.09 -20.91 0.96
C GLY B 81 -21.93 -21.80 1.40
N GLU B 82 -20.85 -21.17 1.83
CA GLU B 82 -19.64 -21.85 2.28
C GLU B 82 -19.83 -22.58 3.60
N ILE B 83 -20.65 -22.00 4.46
CA ILE B 83 -20.97 -22.58 5.76
C ILE B 83 -22.45 -22.34 6.09
N SER B 84 -22.88 -23.08 7.09
CA SER B 84 -24.25 -23.02 7.63
C SER B 84 -24.10 -23.00 9.16
N LEU B 85 -24.97 -22.28 9.82
CA LEU B 85 -24.95 -22.16 11.28
C LEU B 85 -25.33 -23.51 11.92
N ASP B 86 -26.14 -24.30 11.23
CA ASP B 86 -26.60 -25.58 11.80
C ASP B 86 -25.62 -26.72 11.57
N ASP B 87 -24.53 -26.44 10.90
CA ASP B 87 -23.46 -27.39 10.61
C ASP B 87 -22.75 -27.78 11.92
N ALA B 88 -22.45 -29.06 12.01
CA ALA B 88 -21.71 -29.59 13.19
C ALA B 88 -20.28 -29.03 13.06
N VAL B 89 -19.65 -28.73 14.16
CA VAL B 89 -18.29 -28.17 14.15
C VAL B 89 -17.27 -29.16 13.62
N THR B 90 -17.47 -30.44 13.87
CA THR B 90 -16.57 -31.50 13.41
C THR B 90 -16.46 -31.52 11.88
N ARG B 91 -17.44 -30.91 11.25
CA ARG B 91 -17.49 -30.80 9.80
C ARG B 91 -16.24 -30.07 9.29
N TYR B 92 -15.83 -29.05 10.03
CA TYR B 92 -14.67 -28.24 9.68
C TYR B 92 -13.39 -28.57 10.40
N TRP B 93 -13.47 -29.32 11.47
CA TRP B 93 -12.31 -29.77 12.28
C TRP B 93 -12.59 -31.20 12.75
N PRO B 94 -12.35 -32.14 11.84
CA PRO B 94 -12.59 -33.54 12.10
C PRO B 94 -11.80 -34.15 13.22
N GLN B 95 -10.67 -33.57 13.58
CA GLN B 95 -9.83 -34.12 14.66
C GLN B 95 -10.39 -33.89 16.05
N LEU B 96 -11.53 -33.25 16.15
CA LEU B 96 -12.22 -33.00 17.43
C LEU B 96 -13.16 -34.18 17.69
N THR B 97 -12.56 -35.31 18.01
CA THR B 97 -13.24 -36.57 18.24
C THR B 97 -13.98 -36.74 19.55
N GLY B 98 -13.72 -35.89 20.51
CA GLY B 98 -14.37 -35.95 21.83
C GLY B 98 -15.88 -36.12 21.69
N LYS B 99 -16.42 -36.92 22.60
CA LYS B 99 -17.85 -37.23 22.64
C LYS B 99 -18.71 -36.01 22.97
N GLN B 100 -18.12 -35.08 23.69
CA GLN B 100 -18.75 -33.84 24.14
C GLN B 100 -18.97 -32.86 22.99
N TRP B 101 -18.29 -33.10 21.90
CA TRP B 101 -18.37 -32.25 20.70
C TRP B 101 -19.55 -32.56 19.81
N GLN B 102 -20.19 -33.69 20.05
CA GLN B 102 -21.35 -34.12 19.26
C GLN B 102 -22.58 -33.34 19.74
N GLY B 103 -23.15 -32.57 18.84
CA GLY B 103 -24.34 -31.77 19.13
C GLY B 103 -24.04 -30.27 19.17
N ILE B 104 -22.77 -29.93 19.09
CA ILE B 104 -22.36 -28.51 19.08
C ILE B 104 -22.29 -28.08 17.61
N ARG B 105 -23.01 -27.02 17.32
CA ARG B 105 -23.09 -26.44 15.98
C ARG B 105 -22.16 -25.22 15.89
N MET B 106 -22.06 -24.73 14.67
CA MET B 106 -21.26 -23.54 14.35
C MET B 106 -21.94 -22.34 15.07
N LEU B 107 -23.26 -22.40 15.16
CA LEU B 107 -24.05 -21.37 15.81
C LEU B 107 -23.62 -21.23 17.29
N ASP B 108 -23.50 -22.37 17.93
CA ASP B 108 -23.10 -22.45 19.34
C ASP B 108 -21.79 -21.69 19.58
N LEU B 109 -20.82 -21.94 18.72
CA LEU B 109 -19.50 -21.33 18.78
C LEU B 109 -19.59 -19.80 18.68
N ALA B 110 -20.29 -19.38 17.66
CA ALA B 110 -20.53 -18.01 17.28
C ALA B 110 -21.25 -17.17 18.34
N THR B 111 -22.21 -17.77 19.00
CA THR B 111 -23.04 -17.10 20.00
C THR B 111 -22.86 -17.46 21.45
N TYR B 112 -21.79 -18.13 21.79
CA TYR B 112 -21.40 -18.55 23.12
C TYR B 112 -22.32 -19.52 23.81
N THR B 113 -22.97 -20.41 23.10
CA THR B 113 -23.91 -21.37 23.69
C THR B 113 -23.48 -22.82 23.66
N ALA B 114 -22.21 -23.07 23.43
CA ALA B 114 -21.59 -24.38 23.35
C ALA B 114 -21.63 -25.19 24.63
N GLY B 115 -21.73 -24.54 25.77
CA GLY B 115 -21.80 -25.17 27.08
C GLY B 115 -20.72 -24.81 28.08
N GLY B 116 -20.23 -23.58 28.06
CA GLY B 116 -19.23 -23.14 29.00
C GLY B 116 -17.78 -23.13 28.56
N LEU B 117 -17.54 -22.80 27.32
CA LEU B 117 -16.15 -22.66 26.78
C LEU B 117 -15.61 -21.44 27.55
N PRO B 118 -14.34 -21.48 27.92
CA PRO B 118 -13.69 -20.44 28.69
C PRO B 118 -13.54 -19.09 28.00
N LEU B 119 -13.48 -18.09 28.87
CA LEU B 119 -13.33 -16.66 28.56
C LEU B 119 -12.14 -16.42 27.63
N GLN B 120 -10.99 -16.87 28.11
CA GLN B 120 -9.71 -16.75 27.42
C GLN B 120 -9.14 -18.16 27.13
N VAL B 121 -8.30 -18.18 26.11
CA VAL B 121 -7.57 -19.41 25.72
C VAL B 121 -6.33 -19.36 26.65
N PRO B 122 -6.12 -20.46 27.34
CA PRO B 122 -5.00 -20.57 28.29
C PRO B 122 -3.67 -20.12 27.70
N ASP B 123 -2.87 -19.52 28.55
CA ASP B 123 -1.54 -18.99 28.24
C ASP B 123 -0.59 -20.10 27.77
N GLU B 124 -0.87 -21.29 28.24
CA GLU B 124 -0.11 -22.50 27.94
C GLU B 124 -0.37 -23.05 26.55
N VAL B 125 -1.25 -22.42 25.82
CA VAL B 125 -1.59 -22.83 24.44
C VAL B 125 -0.84 -21.87 23.50
N THR B 126 0.10 -22.42 22.77
CA THR B 126 0.94 -21.65 21.85
C THR B 126 0.98 -22.21 20.43
N ASP B 127 0.37 -23.35 20.21
CA ASP B 127 0.38 -23.95 18.85
C ASP B 127 -0.81 -24.87 18.62
N ASN B 128 -0.84 -25.41 17.42
CA ASN B 128 -1.88 -26.30 16.92
C ASN B 128 -2.11 -27.49 17.83
N ALA B 129 -1.03 -28.16 18.19
CA ALA B 129 -1.09 -29.35 19.04
C ALA B 129 -1.72 -29.04 20.40
N SER B 130 -1.30 -27.94 21.01
CA SER B 130 -1.83 -27.57 22.34
C SER B 130 -3.26 -27.05 22.20
N LEU B 131 -3.48 -26.38 21.08
CA LEU B 131 -4.82 -25.81 20.76
C LEU B 131 -5.81 -26.96 20.73
N LEU B 132 -5.46 -27.97 19.95
CA LEU B 132 -6.31 -29.17 19.81
C LEU B 132 -6.53 -29.85 21.15
N ARG B 133 -5.45 -30.09 21.87
CA ARG B 133 -5.46 -30.73 23.19
C ARG B 133 -6.48 -30.04 24.09
N PHE B 134 -6.39 -28.72 24.07
CA PHE B 134 -7.26 -27.87 24.89
C PHE B 134 -8.73 -28.12 24.62
N TYR B 135 -9.13 -28.17 23.36
CA TYR B 135 -10.53 -28.37 22.97
C TYR B 135 -11.01 -29.79 23.24
N GLN B 136 -10.12 -30.74 23.04
CA GLN B 136 -10.40 -32.17 23.21
C GLN B 136 -10.67 -32.54 24.67
N ASN B 137 -9.96 -31.88 25.57
CA ASN B 137 -10.08 -32.16 27.01
C ASN B 137 -11.15 -31.33 27.71
N TRP B 138 -11.69 -30.34 27.02
CA TRP B 138 -12.70 -29.45 27.61
C TRP B 138 -13.93 -30.22 28.07
N GLN B 139 -14.33 -29.90 29.29
CA GLN B 139 -15.51 -30.49 29.94
C GLN B 139 -16.57 -29.38 30.07
N PRO B 140 -17.63 -29.53 29.31
CA PRO B 140 -18.74 -28.55 29.31
C PRO B 140 -19.53 -28.64 30.61
N GLN B 141 -19.89 -27.48 31.12
CA GLN B 141 -20.66 -27.35 32.37
C GLN B 141 -22.15 -27.50 32.11
N TRP B 142 -22.58 -27.07 30.95
CA TRP B 142 -24.00 -27.14 30.55
C TRP B 142 -24.13 -27.79 29.17
N LYS B 143 -25.36 -28.22 28.89
CA LYS B 143 -25.66 -28.83 27.59
C LYS B 143 -25.68 -27.66 26.59
N PRO B 144 -25.48 -27.99 25.33
CA PRO B 144 -25.44 -26.98 24.27
C PRO B 144 -26.80 -26.31 24.13
N GLY B 145 -26.78 -25.06 23.73
CA GLY B 145 -27.94 -24.22 23.52
C GLY B 145 -28.81 -23.96 24.72
N THR B 146 -28.25 -23.91 25.91
CA THR B 146 -29.02 -23.64 27.13
C THR B 146 -28.49 -22.46 27.93
N THR B 147 -27.19 -22.27 27.87
CA THR B 147 -26.49 -21.22 28.62
C THR B 147 -25.54 -20.43 27.76
N ARG B 148 -25.55 -19.13 28.02
CA ARG B 148 -24.69 -18.16 27.34
C ARG B 148 -23.57 -17.73 28.29
N LEU B 149 -22.35 -17.94 27.84
CA LEU B 149 -21.14 -17.57 28.55
C LEU B 149 -20.16 -16.94 27.55
N TYR B 150 -20.11 -15.63 27.56
CA TYR B 150 -19.22 -14.84 26.69
C TYR B 150 -17.80 -15.36 26.79
N ALA B 151 -17.24 -15.77 25.67
CA ALA B 151 -15.89 -16.34 25.61
C ALA B 151 -15.22 -16.17 24.25
N ASN B 152 -13.96 -15.82 24.33
CA ASN B 152 -13.06 -15.62 23.19
C ASN B 152 -12.75 -16.98 22.56
N ALA B 153 -12.69 -17.97 23.44
CA ALA B 153 -12.37 -19.36 23.06
C ALA B 153 -13.49 -19.95 22.20
N SER B 154 -14.65 -19.35 22.34
CA SER B 154 -15.86 -19.77 21.61
C SER B 154 -15.91 -19.11 20.24
N ILE B 155 -16.05 -17.79 20.20
CA ILE B 155 -16.13 -17.06 18.93
C ILE B 155 -14.82 -17.10 18.16
N GLY B 156 -13.74 -17.24 18.89
CA GLY B 156 -12.39 -17.35 18.31
C GLY B 156 -12.33 -18.55 17.36
N LEU B 157 -12.79 -19.69 17.82
CA LEU B 157 -12.80 -20.94 17.04
C LEU B 157 -13.74 -20.79 15.83
N PHE B 158 -14.83 -20.07 16.06
CA PHE B 158 -15.82 -19.84 15.01
C PHE B 158 -15.14 -19.21 13.78
N GLY B 159 -14.49 -18.09 14.01
CA GLY B 159 -13.79 -17.33 12.97
C GLY B 159 -12.75 -18.18 12.25
N ALA B 160 -11.98 -18.92 13.01
CA ALA B 160 -10.93 -19.79 12.49
C ALA B 160 -11.50 -20.89 11.58
N LEU B 161 -12.63 -21.44 11.92
CA LEU B 161 -13.26 -22.51 11.14
C LEU B 161 -14.07 -21.99 9.97
N ALA B 162 -14.73 -20.86 10.16
CA ALA B 162 -15.59 -20.27 9.13
C ALA B 162 -14.84 -19.93 7.85
N VAL B 163 -13.57 -19.70 7.98
CA VAL B 163 -12.68 -19.31 6.89
C VAL B 163 -12.12 -20.46 6.07
N LYS B 164 -12.23 -21.67 6.56
CA LYS B 164 -11.73 -22.90 5.98
C LYS B 164 -12.07 -23.11 4.52
N PRO B 165 -13.34 -23.13 4.18
CA PRO B 165 -13.83 -23.34 2.82
C PRO B 165 -13.32 -22.34 1.79
N SER B 166 -12.84 -21.21 2.25
CA SER B 166 -12.34 -20.13 1.40
C SER B 166 -10.92 -20.42 0.89
N GLY B 167 -10.16 -21.17 1.66
CA GLY B 167 -8.78 -21.54 1.32
C GLY B 167 -7.78 -20.45 1.66
N MET B 168 -8.28 -19.36 2.23
CA MET B 168 -7.44 -18.22 2.62
C MET B 168 -7.24 -18.18 4.14
N PRO B 169 -6.05 -17.75 4.51
CA PRO B 169 -5.73 -17.57 5.96
C PRO B 169 -6.68 -16.47 6.41
N TYR B 170 -7.03 -16.46 7.68
CA TYR B 170 -7.96 -15.51 8.27
C TYR B 170 -7.71 -14.06 7.91
N GLU B 171 -6.47 -13.61 8.09
CA GLU B 171 -6.09 -12.23 7.81
C GLU B 171 -6.43 -11.84 6.38
N GLN B 172 -6.15 -12.75 5.46
CA GLN B 172 -6.39 -12.56 4.03
C GLN B 172 -7.88 -12.52 3.68
N ALA B 173 -8.63 -13.45 4.22
CA ALA B 173 -10.08 -13.53 3.98
C ALA B 173 -10.78 -12.25 4.44
N MET B 174 -10.41 -11.81 5.63
CA MET B 174 -10.95 -10.60 6.25
C MET B 174 -10.68 -9.35 5.40
N THR B 175 -9.47 -9.24 4.92
CA THR B 175 -9.03 -8.12 4.10
C THR B 175 -9.76 -8.07 2.76
N THR B 176 -9.76 -9.21 2.10
CA THR B 176 -10.35 -9.41 0.78
C THR B 176 -11.85 -9.37 0.71
N ARG B 177 -12.53 -9.91 1.72
CA ARG B 177 -13.99 -9.97 1.73
C ARG B 177 -14.71 -8.88 2.49
N VAL B 178 -14.04 -8.22 3.42
CA VAL B 178 -14.71 -7.18 4.22
C VAL B 178 -14.04 -5.82 4.17
N LEU B 179 -12.77 -5.77 4.48
CA LEU B 179 -11.97 -4.54 4.52
C LEU B 179 -11.97 -3.76 3.22
N LYS B 180 -11.47 -4.35 2.16
CA LYS B 180 -11.36 -3.71 0.85
C LYS B 180 -12.67 -3.26 0.25
N PRO B 181 -13.64 -4.16 0.19
CA PRO B 181 -14.97 -3.85 -0.35
C PRO B 181 -15.59 -2.64 0.32
N LEU B 182 -15.30 -2.44 1.60
CA LEU B 182 -15.84 -1.32 2.38
C LEU B 182 -14.88 -0.14 2.45
N LYS B 183 -13.75 -0.26 1.81
CA LYS B 183 -12.70 0.77 1.75
C LYS B 183 -12.16 1.13 3.12
N LEU B 184 -11.97 0.10 3.93
CA LEU B 184 -11.41 0.24 5.28
C LEU B 184 -9.90 -0.09 5.12
N ASP B 185 -9.23 0.90 4.56
CA ASP B 185 -7.81 0.85 4.22
C ASP B 185 -6.84 1.09 5.36
N HIS B 186 -7.37 1.36 6.54
CA HIS B 186 -6.54 1.59 7.72
C HIS B 186 -6.98 0.73 8.88
N THR B 187 -7.45 -0.46 8.54
CA THR B 187 -7.90 -1.47 9.51
C THR B 187 -6.96 -2.66 9.34
N TRP B 188 -6.29 -3.03 10.43
CA TRP B 188 -5.33 -4.13 10.35
C TRP B 188 -5.39 -5.06 11.57
N ILE B 189 -4.80 -6.21 11.30
CA ILE B 189 -4.62 -7.26 12.31
C ILE B 189 -3.16 -7.08 12.73
N ASN B 190 -2.37 -6.85 11.68
CA ASN B 190 -0.92 -6.60 11.78
C ASN B 190 -0.61 -5.21 11.22
N VAL B 191 -0.26 -4.29 12.09
CA VAL B 191 0.07 -2.92 11.69
C VAL B 191 1.46 -2.86 11.02
N PRO B 192 1.44 -2.45 9.76
CA PRO B 192 2.67 -2.31 8.97
C PRO B 192 3.54 -1.19 9.52
N LYS B 193 4.83 -1.34 9.31
CA LYS B 193 5.87 -0.41 9.75
C LYS B 193 5.61 1.02 9.29
N ALA B 194 5.06 1.14 8.10
CA ALA B 194 4.74 2.42 7.48
C ALA B 194 3.64 3.17 8.24
N GLU B 195 2.74 2.41 8.82
CA GLU B 195 1.60 2.93 9.58
C GLU B 195 1.90 3.07 11.07
N GLU B 196 2.98 2.46 11.48
CA GLU B 196 3.45 2.43 12.86
C GLU B 196 3.43 3.78 13.54
N ALA B 197 3.74 4.83 12.79
CA ALA B 197 3.80 6.21 13.27
C ALA B 197 2.48 6.70 13.87
N HIS B 198 1.40 6.09 13.44
CA HIS B 198 0.04 6.40 13.85
C HIS B 198 -0.52 5.55 14.98
N TYR B 199 0.19 4.51 15.33
CA TYR B 199 -0.23 3.58 16.41
C TYR B 199 0.06 4.21 17.76
N ALA B 200 -1.01 4.46 18.49
CA ALA B 200 -0.96 5.07 19.83
C ALA B 200 -0.50 4.02 20.84
N TRP B 201 -0.21 4.50 22.03
CA TRP B 201 0.19 3.63 23.15
C TRP B 201 -1.05 3.56 24.07
N GLY B 202 -1.20 2.43 24.71
CA GLY B 202 -2.31 2.20 25.68
C GLY B 202 -1.64 2.33 27.06
N TYR B 203 -2.40 2.72 28.06
CA TYR B 203 -1.88 2.88 29.44
C TYR B 203 -2.72 2.12 30.45
N ARG B 204 -2.03 1.37 31.30
CA ARG B 204 -2.68 0.56 32.35
C ARG B 204 -2.58 1.27 33.70
N ASP B 205 -1.35 1.55 34.07
CA ASP B 205 -1.00 2.27 35.31
C ASP B 205 -0.55 3.66 34.79
N GLY B 206 0.75 3.73 34.70
CA GLY B 206 1.49 4.89 34.19
C GLY B 206 2.41 4.27 33.10
N LYS B 207 2.11 3.00 32.87
CA LYS B 207 2.80 2.14 31.92
C LYS B 207 2.15 2.07 30.54
N ALA B 208 3.04 2.15 29.55
CA ALA B 208 2.68 2.11 28.13
C ALA B 208 2.68 0.65 27.66
N VAL B 209 1.50 0.21 27.25
CA VAL B 209 1.30 -1.17 26.78
C VAL B 209 0.52 -1.21 25.46
N ARG B 210 0.74 -2.29 24.77
CA ARG B 210 0.09 -2.66 23.50
C ARG B 210 -0.32 -4.13 23.68
N VAL B 211 -1.26 -4.61 22.89
CA VAL B 211 -1.72 -6.00 22.98
C VAL B 211 -0.60 -6.96 22.56
N SER B 212 -0.56 -8.09 23.24
CA SER B 212 0.41 -9.17 23.01
C SER B 212 -0.25 -10.25 22.15
N PRO B 213 0.59 -10.94 21.40
CA PRO B 213 0.15 -12.04 20.53
C PRO B 213 -0.41 -13.16 21.40
N GLY B 214 -1.44 -13.80 20.88
CA GLY B 214 -2.09 -14.93 21.57
C GLY B 214 -2.79 -15.80 20.52
N MET B 215 -3.12 -17.00 20.95
CA MET B 215 -3.82 -17.95 20.05
C MET B 215 -5.22 -17.41 19.80
N LEU B 216 -5.57 -17.30 18.53
CA LEU B 216 -6.90 -16.80 18.12
C LEU B 216 -7.08 -15.32 18.42
N ASP B 217 -6.00 -14.58 18.41
CA ASP B 217 -6.04 -13.13 18.71
C ASP B 217 -6.84 -12.36 17.67
N ALA B 218 -6.52 -12.58 16.41
CA ALA B 218 -7.14 -11.94 15.26
C ALA B 218 -8.66 -12.06 15.22
N GLN B 219 -9.15 -13.23 15.54
CA GLN B 219 -10.58 -13.55 15.53
C GLN B 219 -11.38 -12.98 16.69
N ALA B 220 -10.73 -12.79 17.84
CA ALA B 220 -11.42 -12.31 19.02
C ALA B 220 -11.09 -10.93 19.54
N TYR B 221 -9.87 -10.44 19.36
CA TYR B 221 -9.54 -9.11 19.91
C TYR B 221 -8.40 -8.36 19.29
N GLY B 222 -7.83 -8.79 18.18
CA GLY B 222 -6.71 -8.17 17.53
C GLY B 222 -6.81 -7.16 16.45
N VAL B 223 -7.96 -6.59 16.16
CA VAL B 223 -8.07 -5.57 15.09
C VAL B 223 -7.70 -4.19 15.64
N LYS B 224 -6.99 -3.44 14.84
CA LYS B 224 -6.51 -2.07 15.14
C LYS B 224 -7.03 -1.15 14.02
N THR B 225 -7.51 0.02 14.40
CA THR B 225 -8.05 0.97 13.41
C THR B 225 -8.13 2.40 13.94
N ASN B 226 -8.63 3.27 13.06
CA ASN B 226 -8.81 4.70 13.38
C ASN B 226 -10.30 4.98 13.42
N VAL B 227 -10.66 6.18 13.80
CA VAL B 227 -12.06 6.62 13.92
C VAL B 227 -12.76 6.85 12.60
N GLN B 228 -11.99 7.10 11.55
CA GLN B 228 -12.58 7.33 10.21
C GLN B 228 -13.11 5.99 9.70
N ASP B 229 -12.25 5.00 9.81
CA ASP B 229 -12.61 3.63 9.39
C ASP B 229 -13.76 3.12 10.27
N MET B 230 -13.69 3.37 11.57
CA MET B 230 -14.76 2.91 12.49
C MET B 230 -16.10 3.57 12.11
N ALA B 231 -16.05 4.83 11.72
CA ALA B 231 -17.25 5.58 11.33
C ALA B 231 -17.91 4.92 10.12
N ASN B 232 -17.05 4.56 9.20
CA ASN B 232 -17.49 3.91 7.95
C ASN B 232 -18.01 2.51 8.26
N TRP B 233 -17.40 1.85 9.23
CA TRP B 233 -17.81 0.49 9.63
C TRP B 233 -19.24 0.56 10.19
N VAL B 234 -19.44 1.56 11.05
CA VAL B 234 -20.74 1.78 11.70
C VAL B 234 -21.78 2.16 10.65
N MET B 235 -21.37 3.01 9.72
CA MET B 235 -22.27 3.47 8.64
C MET B 235 -22.77 2.30 7.80
N ALA B 236 -21.87 1.40 7.46
CA ALA B 236 -22.17 0.21 6.66
C ALA B 236 -23.08 -0.80 7.36
N ASN B 237 -23.01 -0.87 8.66
CA ASN B 237 -23.81 -1.80 9.48
C ASN B 237 -25.19 -1.20 9.78
N MET B 238 -25.22 0.11 9.84
CA MET B 238 -26.45 0.88 10.14
C MET B 238 -27.38 0.92 8.94
N ALA B 239 -26.82 0.98 7.74
CA ALA B 239 -27.61 1.01 6.49
C ALA B 239 -26.95 0.09 5.45
N PRO B 240 -27.18 -1.20 5.63
CA PRO B 240 -26.62 -2.23 4.76
C PRO B 240 -27.10 -2.15 3.33
N GLU B 241 -28.03 -1.27 3.06
CA GLU B 241 -28.61 -1.06 1.73
C GLU B 241 -27.57 -0.51 0.76
N ASN B 242 -26.83 0.46 1.26
CA ASN B 242 -25.78 1.17 0.53
C ASN B 242 -24.52 0.33 0.33
N VAL B 243 -24.60 -0.96 0.62
CA VAL B 243 -23.43 -1.86 0.44
C VAL B 243 -23.61 -2.63 -0.86
N ALA B 244 -22.72 -2.37 -1.80
CA ALA B 244 -22.68 -2.93 -3.14
C ALA B 244 -22.49 -4.42 -3.26
N ASP B 245 -21.58 -4.97 -2.49
CA ASP B 245 -21.28 -6.42 -2.54
C ASP B 245 -22.46 -7.19 -1.93
N ALA B 246 -23.01 -8.07 -2.74
CA ALA B 246 -24.16 -8.91 -2.43
C ALA B 246 -24.05 -9.80 -1.21
N SER B 247 -22.95 -10.52 -1.08
CA SER B 247 -22.76 -11.42 0.08
C SER B 247 -22.42 -10.63 1.34
N LEU B 248 -21.65 -9.56 1.15
CA LEU B 248 -21.27 -8.69 2.28
C LEU B 248 -22.56 -8.14 2.87
N LYS B 249 -23.36 -7.61 1.99
CA LYS B 249 -24.67 -7.02 2.25
C LYS B 249 -25.54 -7.92 3.10
N GLN B 250 -25.62 -9.18 2.68
CA GLN B 250 -26.43 -10.21 3.37
C GLN B 250 -25.70 -10.66 4.64
N GLY B 251 -24.39 -10.54 4.61
CA GLY B 251 -23.53 -10.93 5.74
C GLY B 251 -23.75 -10.00 6.93
N ILE B 252 -24.05 -8.77 6.59
CA ILE B 252 -24.32 -7.70 7.57
C ILE B 252 -25.69 -7.94 8.21
N ALA B 253 -26.62 -8.38 7.38
CA ALA B 253 -27.98 -8.69 7.79
C ALA B 253 -28.01 -9.86 8.78
N LEU B 254 -27.22 -10.85 8.46
CA LEU B 254 -27.08 -12.08 9.25
C LEU B 254 -26.42 -11.83 10.59
N ALA B 255 -25.51 -10.88 10.64
CA ALA B 255 -24.80 -10.53 11.88
C ALA B 255 -25.74 -9.81 12.87
N GLN B 256 -26.69 -9.10 12.32
CA GLN B 256 -27.67 -8.31 13.07
C GLN B 256 -29.00 -9.03 13.30
N SER B 257 -29.01 -10.30 12.96
CA SER B 257 -30.22 -11.13 13.18
C SER B 257 -30.17 -11.58 14.64
N ARG B 258 -31.33 -11.93 15.19
CA ARG B 258 -31.48 -12.36 16.57
C ARG B 258 -31.68 -13.87 16.68
N TYR B 259 -30.63 -14.50 17.18
CA TYR B 259 -30.58 -15.94 17.37
C TYR B 259 -31.02 -16.40 18.74
N TRP B 260 -30.78 -15.57 19.75
CA TRP B 260 -31.16 -15.92 21.13
C TRP B 260 -31.63 -14.69 21.92
N ARG B 261 -32.56 -14.95 22.83
CA ARG B 261 -33.07 -13.88 23.72
C ARG B 261 -32.50 -14.16 25.11
N ILE B 262 -31.85 -13.16 25.67
CA ILE B 262 -31.25 -13.20 27.00
C ILE B 262 -31.72 -11.99 27.81
N GLY B 263 -32.84 -12.15 28.46
CA GLY B 263 -33.45 -11.05 29.25
C GLY B 263 -33.97 -10.06 28.21
N SER B 264 -33.42 -8.86 28.25
CA SER B 264 -33.81 -7.79 27.32
C SER B 264 -32.83 -7.60 26.18
N MET B 265 -31.86 -8.48 26.07
CA MET B 265 -30.85 -8.41 25.00
C MET B 265 -31.00 -9.64 24.09
N TYR B 266 -30.58 -9.44 22.87
CA TYR B 266 -30.58 -10.45 21.81
C TYR B 266 -29.14 -10.57 21.28
N GLN B 267 -28.77 -11.80 20.99
CA GLN B 267 -27.43 -12.12 20.48
C GLN B 267 -27.46 -12.30 18.96
N GLY B 268 -26.60 -11.55 18.32
CA GLY B 268 -26.40 -11.57 16.85
C GLY B 268 -25.02 -12.26 16.71
N LEU B 269 -24.34 -12.01 15.62
CA LEU B 269 -22.99 -12.57 15.38
C LEU B 269 -22.04 -11.40 15.68
N GLY B 270 -21.47 -11.42 16.86
CA GLY B 270 -20.56 -10.34 17.32
C GLY B 270 -21.40 -9.25 17.99
N TRP B 271 -22.31 -8.68 17.22
CA TRP B 271 -23.20 -7.62 17.68
C TRP B 271 -24.23 -8.16 18.70
N GLU B 272 -24.55 -7.27 19.62
CA GLU B 272 -25.55 -7.47 20.67
C GLU B 272 -26.61 -6.39 20.48
N MET B 273 -27.86 -6.72 20.74
CA MET B 273 -28.97 -5.80 20.50
C MET B 273 -30.04 -5.79 21.58
N LEU B 274 -30.64 -4.63 21.70
CA LEU B 274 -31.73 -4.32 22.63
C LEU B 274 -32.82 -3.64 21.78
N ASN B 275 -34.06 -3.77 22.19
CA ASN B 275 -35.19 -3.14 21.48
C ASN B 275 -35.11 -1.63 21.80
N TRP B 276 -35.45 -0.83 20.81
CA TRP B 276 -35.45 0.63 21.00
C TRP B 276 -36.90 1.10 20.95
N PRO B 277 -37.33 1.91 21.89
CA PRO B 277 -36.58 2.51 22.98
C PRO B 277 -36.26 1.63 24.17
N VAL B 278 -35.15 1.98 24.79
CA VAL B 278 -34.60 1.33 25.99
C VAL B 278 -34.10 2.43 26.93
N GLU B 279 -34.31 2.19 28.21
CA GLU B 279 -33.90 3.13 29.27
C GLU B 279 -32.41 2.94 29.56
N ALA B 280 -31.75 4.07 29.75
CA ALA B 280 -30.33 4.15 30.02
C ALA B 280 -29.88 3.08 31.01
N ASN B 281 -30.52 3.04 32.15
CA ASN B 281 -30.24 2.11 33.24
C ASN B 281 -30.13 0.66 32.78
N THR B 282 -30.94 0.30 31.80
CA THR B 282 -30.95 -1.06 31.27
C THR B 282 -29.64 -1.38 30.55
N VAL B 283 -29.23 -0.46 29.69
CA VAL B 283 -28.02 -0.62 28.89
C VAL B 283 -26.76 -0.52 29.74
N VAL B 284 -26.70 0.48 30.60
CA VAL B 284 -25.55 0.72 31.47
C VAL B 284 -25.30 -0.41 32.46
N GLU B 285 -26.38 -0.90 33.05
CA GLU B 285 -26.32 -1.97 34.05
C GLU B 285 -25.91 -3.30 33.43
N GLY B 286 -26.40 -3.53 32.22
CA GLY B 286 -26.09 -4.77 31.48
C GLY B 286 -24.61 -4.82 31.10
N SER B 287 -24.00 -3.66 31.02
CA SER B 287 -22.61 -3.46 30.65
C SER B 287 -21.59 -3.90 31.68
N ASP B 288 -21.98 -3.90 32.93
CA ASP B 288 -21.10 -4.31 34.04
C ASP B 288 -20.68 -5.76 33.88
N SER B 289 -19.41 -5.99 34.13
CA SER B 289 -18.76 -7.30 34.03
C SER B 289 -19.48 -8.35 34.85
N LYS B 290 -20.06 -7.91 35.94
CA LYS B 290 -20.83 -8.74 36.88
C LYS B 290 -21.97 -9.46 36.18
N VAL B 291 -22.51 -8.82 35.16
CA VAL B 291 -23.64 -9.40 34.39
C VAL B 291 -23.15 -9.82 33.01
N ALA B 292 -22.33 -8.99 32.40
CA ALA B 292 -21.75 -9.22 31.09
C ALA B 292 -20.98 -10.54 31.00
N LEU B 293 -20.22 -10.84 32.03
CA LEU B 293 -19.40 -12.05 32.10
C LEU B 293 -20.05 -13.28 32.71
N ALA B 294 -21.27 -13.16 33.17
CA ALA B 294 -22.01 -14.24 33.81
C ALA B 294 -22.72 -15.16 32.83
N PRO B 295 -22.79 -16.43 33.23
CA PRO B 295 -23.50 -17.47 32.45
C PRO B 295 -24.98 -17.26 32.71
N LEU B 296 -25.75 -17.10 31.66
CA LEU B 296 -27.20 -16.87 31.75
C LEU B 296 -27.94 -17.77 30.77
N PRO B 297 -29.16 -18.13 31.15
CA PRO B 297 -30.01 -18.99 30.31
C PRO B 297 -30.45 -18.22 29.08
N VAL B 298 -30.67 -18.95 28.01
CA VAL B 298 -31.10 -18.38 26.73
C VAL B 298 -32.44 -18.98 26.32
N ALA B 299 -33.08 -18.22 25.48
CA ALA B 299 -34.36 -18.51 24.84
C ALA B 299 -34.04 -18.38 23.33
N GLU B 300 -34.19 -19.49 22.66
CA GLU B 300 -33.93 -19.59 21.23
C GLU B 300 -35.00 -18.91 20.38
N VAL B 301 -34.51 -18.22 19.37
CA VAL B 301 -35.34 -17.52 18.36
C VAL B 301 -35.19 -18.39 17.10
N ASN B 302 -36.21 -19.20 16.85
CA ASN B 302 -36.18 -20.13 15.70
C ASN B 302 -37.51 -20.08 14.94
N PRO B 303 -37.48 -19.61 13.70
CA PRO B 303 -36.31 -19.15 12.97
C PRO B 303 -35.80 -17.82 13.50
N PRO B 304 -34.51 -17.60 13.28
CA PRO B 304 -33.84 -16.37 13.70
C PRO B 304 -34.59 -15.18 13.08
N ALA B 305 -34.67 -14.12 13.87
CA ALA B 305 -35.35 -12.91 13.42
C ALA B 305 -34.39 -12.01 12.63
N PRO B 306 -34.89 -11.57 11.49
CA PRO B 306 -34.15 -10.66 10.62
C PRO B 306 -33.95 -9.36 11.42
N PRO B 307 -32.97 -8.58 10.98
CA PRO B 307 -32.64 -7.31 11.61
C PRO B 307 -33.88 -6.45 11.85
N VAL B 308 -33.90 -5.85 13.03
CA VAL B 308 -34.96 -4.95 13.48
C VAL B 308 -34.40 -3.51 13.47
N LYS B 309 -35.05 -2.65 12.72
CA LYS B 309 -34.65 -1.25 12.59
C LYS B 309 -34.62 -0.54 13.94
N ALA B 310 -35.70 -0.73 14.67
CA ALA B 310 -35.88 -0.13 16.01
C ALA B 310 -35.07 -0.90 17.03
N SER B 311 -33.76 -0.83 16.84
CA SER B 311 -32.81 -1.50 17.72
C SER B 311 -31.67 -0.59 18.15
N TRP B 312 -31.16 -0.93 19.33
CA TRP B 312 -30.00 -0.32 19.94
C TRP B 312 -28.92 -1.43 19.74
N VAL B 313 -28.07 -1.23 18.77
CA VAL B 313 -27.00 -2.22 18.49
C VAL B 313 -25.69 -1.60 18.94
N HIS B 314 -24.93 -2.42 19.69
CA HIS B 314 -23.67 -1.98 20.28
C HIS B 314 -22.72 -3.13 20.58
N LYS B 315 -21.55 -2.73 21.09
CA LYS B 315 -20.51 -3.69 21.46
C LYS B 315 -19.36 -2.96 22.17
N THR B 316 -19.00 -3.52 23.31
CA THR B 316 -17.89 -2.98 24.13
C THR B 316 -16.62 -3.74 23.76
N GLY B 317 -15.48 -3.09 23.84
CA GLY B 317 -14.22 -3.75 23.49
C GLY B 317 -13.04 -3.18 24.26
N SER B 318 -12.28 -4.08 24.88
CA SER B 318 -11.12 -3.70 25.66
C SER B 318 -9.90 -4.60 25.44
N THR B 319 -8.75 -3.97 25.69
CA THR B 319 -7.42 -4.58 25.66
C THR B 319 -6.76 -4.12 26.96
N GLY B 320 -5.51 -4.45 27.15
CA GLY B 320 -4.80 -4.08 28.38
C GLY B 320 -4.76 -2.57 28.61
N GLY B 321 -4.53 -1.82 27.54
CA GLY B 321 -4.45 -0.37 27.59
C GLY B 321 -5.46 0.43 26.83
N PHE B 322 -6.44 -0.22 26.21
CA PHE B 322 -7.46 0.49 25.42
C PHE B 322 -8.89 0.08 25.81
N GLY B 323 -9.75 1.08 25.71
CA GLY B 323 -11.18 0.97 26.01
C GLY B 323 -11.98 1.69 24.92
N SER B 324 -12.79 0.90 24.24
CA SER B 324 -13.63 1.40 23.14
C SER B 324 -15.08 0.92 23.28
N TYR B 325 -15.93 1.59 22.53
CA TYR B 325 -17.37 1.35 22.49
C TYR B 325 -17.97 1.96 21.22
N VAL B 326 -18.95 1.27 20.69
CA VAL B 326 -19.69 1.65 19.48
C VAL B 326 -21.18 1.33 19.70
N ALA B 327 -22.04 2.27 19.37
CA ALA B 327 -23.50 2.16 19.48
C ALA B 327 -24.14 2.89 18.31
N PHE B 328 -25.27 2.37 17.85
CA PHE B 328 -26.03 2.94 16.72
C PHE B 328 -27.48 2.46 16.75
N ILE B 329 -28.34 3.30 16.20
CA ILE B 329 -29.79 3.04 16.10
C ILE B 329 -30.20 3.22 14.64
N PRO B 330 -30.38 2.10 13.96
CA PRO B 330 -30.72 2.07 12.54
C PRO B 330 -31.96 2.87 12.15
N GLU B 331 -33.00 2.78 12.94
CA GLU B 331 -34.25 3.50 12.71
C GLU B 331 -34.00 5.02 12.68
N LYS B 332 -33.27 5.49 13.66
CA LYS B 332 -32.94 6.90 13.84
C LYS B 332 -31.74 7.38 13.04
N GLN B 333 -30.96 6.44 12.55
CA GLN B 333 -29.77 6.69 11.74
C GLN B 333 -28.79 7.63 12.46
N ILE B 334 -28.52 7.31 13.69
CA ILE B 334 -27.58 7.99 14.56
C ILE B 334 -26.68 6.90 15.16
N GLY B 335 -25.42 7.22 15.35
CA GLY B 335 -24.45 6.27 15.92
C GLY B 335 -23.26 7.01 16.52
N ILE B 336 -22.55 6.29 17.37
CA ILE B 336 -21.36 6.83 18.04
C ILE B 336 -20.22 5.82 18.11
N VAL B 337 -19.03 6.38 18.09
CA VAL B 337 -17.77 5.64 18.18
C VAL B 337 -16.91 6.32 19.24
N MET B 338 -16.49 5.54 20.22
CA MET B 338 -15.64 6.04 21.31
C MET B 338 -14.40 5.15 21.45
N LEU B 339 -13.26 5.71 21.08
CA LEU B 339 -11.95 5.04 21.16
C LEU B 339 -11.05 5.78 22.15
N ALA B 340 -10.53 5.06 23.14
CA ALA B 340 -9.66 5.62 24.17
C ALA B 340 -8.45 4.72 24.45
N ASN B 341 -7.36 5.36 24.83
CA ASN B 341 -6.10 4.68 25.12
C ASN B 341 -5.89 4.35 26.59
N THR B 342 -6.98 3.98 27.23
CA THR B 342 -7.05 3.55 28.61
C THR B 342 -8.38 2.76 28.75
N SER B 343 -8.27 1.65 29.44
CA SER B 343 -9.43 0.77 29.68
C SER B 343 -10.14 1.25 30.94
N TYR B 344 -11.21 1.97 30.77
CA TYR B 344 -12.04 2.49 31.88
C TYR B 344 -13.33 1.67 31.89
N PRO B 345 -14.02 1.70 33.01
CA PRO B 345 -15.25 0.93 33.21
C PRO B 345 -16.26 1.06 32.09
N ASN B 346 -16.81 -0.08 31.70
CA ASN B 346 -17.78 -0.23 30.63
C ASN B 346 -19.01 0.64 30.81
N PRO B 347 -19.59 0.57 32.00
CA PRO B 347 -20.80 1.33 32.33
C PRO B 347 -20.64 2.81 32.06
N ALA B 348 -19.45 3.32 32.33
CA ALA B 348 -19.09 4.72 32.12
C ALA B 348 -19.10 5.07 30.64
N ARG B 349 -18.71 4.10 29.83
CA ARG B 349 -18.68 4.23 28.38
C ARG B 349 -20.11 4.35 27.83
N VAL B 350 -20.91 3.37 28.22
CA VAL B 350 -22.31 3.27 27.81
C VAL B 350 -23.12 4.49 28.23
N GLU B 351 -22.87 4.97 29.42
CA GLU B 351 -23.55 6.13 29.99
C GLU B 351 -23.33 7.37 29.12
N ALA B 352 -22.08 7.62 28.80
CA ALA B 352 -21.65 8.74 27.97
C ALA B 352 -22.25 8.71 26.57
N ALA B 353 -22.30 7.52 26.00
CA ALA B 353 -22.83 7.29 24.64
C ALA B 353 -24.32 7.65 24.58
N TYR B 354 -25.06 7.08 25.51
CA TYR B 354 -26.50 7.27 25.62
C TYR B 354 -26.86 8.75 25.74
N HIS B 355 -26.11 9.46 26.55
CA HIS B 355 -26.34 10.90 26.76
C HIS B 355 -26.23 11.65 25.43
N ILE B 356 -25.17 11.34 24.70
CA ILE B 356 -24.89 11.97 23.42
C ILE B 356 -25.95 11.69 22.38
N LEU B 357 -26.33 10.43 22.24
CA LEU B 357 -27.34 10.01 21.26
C LEU B 357 -28.69 10.62 21.63
N GLU B 358 -28.90 10.81 22.91
CA GLU B 358 -30.13 11.38 23.46
C GLU B 358 -30.33 12.82 23.02
N ALA B 359 -29.24 13.52 22.76
CA ALA B 359 -29.27 14.91 22.32
C ALA B 359 -29.41 15.04 20.81
N LEU B 360 -29.78 13.95 20.15
CA LEU B 360 -29.95 13.93 18.69
C LEU B 360 -31.34 13.42 18.29
P IPP C . 14.41 12.01 -23.14
O1P IPP C . 15.90 12.24 -23.55
O2P IPP C . 14.38 12.45 -21.66
C IPP C . 13.31 12.89 -23.80
N IPP C . 11.95 12.87 -23.49
C1 IPP C . 10.91 12.41 -24.10
C1 IPP C . 11.05 11.96 -23.68
O1 IPP C . 10.90 12.07 -25.29
O1 IPP C . 11.27 10.93 -24.35
C2 IPP C . 9.54 12.37 -23.98
C2 IPP C . 9.66 11.76 -23.48
C1' IPP C . 8.61 13.56 -24.07
C1' IPP C . 8.54 12.12 -24.44
C2' IPP C . 8.82 14.60 -24.97
C2' IPP C . 8.76 12.81 -25.62
C3' IPP C . 7.95 15.67 -25.06
C3' IPP C . 7.73 13.10 -26.51
C4' IPP C . 6.84 15.72 -24.21
C4' IPP C . 6.44 12.64 -26.20
I IPP C . 5.57 17.36 -24.43
I IPP C . 4.96 13.10 -27.61
C5' IPP C . 6.60 14.69 -23.30
C5' IPP C . 6.18 11.96 -25.02
C6' IPP C . 7.49 13.61 -23.22
C6' IPP C . 7.23 11.72 -24.12
P IPP D . -13.40 -7.70 25.35
O1P IPP D . -14.70 -7.11 25.99
O2P IPP D . -12.74 -6.41 24.75
C IPP D . -12.32 -8.20 26.34
N IPP D . -10.93 -8.09 26.21
C1 IPP D . -10.08 -8.80 25.54
C1 IPP D . -10.11 -8.93 25.67
O1 IPP D . -10.20 -10.08 25.44
O1 IPP D . -10.51 -9.97 25.08
C2 IPP D . -8.76 -8.82 25.25
C2 IPP D . -8.80 -8.89 25.32
C1' IPP D . -7.59 -8.70 26.20
C1' IPP D . -7.84 -10.03 25.64
C2' IPP D . -6.28 -9.02 25.81
C2' IPP D . -6.78 -10.35 24.82
C3' IPP D . -5.21 -8.89 26.68
C3' IPP D . -5.92 -11.40 25.11
C4' IPP D . -5.45 -8.41 27.98
C4' IPP D . -6.20 -12.20 26.23
I IPP D . -3.77 -8.21 29.21
I IPP D . -4.85 -13.76 26.60
C5' IPP D . -6.74 -8.08 28.39
C5' IPP D . -7.23 -11.89 27.09
C6' IPP D . -7.81 -8.23 27.51
C6' IPP D . -8.11 -10.84 26.76
#